data_5M8Z
#
_entry.id   5M8Z
#
_cell.length_a   73.579
_cell.length_b   73.579
_cell.length_c   184.962
_cell.angle_alpha   90.00
_cell.angle_beta   90.00
_cell.angle_gamma   90.00
#
_symmetry.space_group_name_H-M   'P 41'
#
loop_
_entity.id
_entity.type
_entity.pdbx_description
1 polymer 'Tetrachloroethene reductive dehalogenase catalytic subunit PceA'
2 non-polymer 'IRON/SULFUR CLUSTER'
3 non-polymer NORPSEUDO-B12
4 non-polymer BENZAMIDINE
5 non-polymer GLYCEROL
6 non-polymer 2,3-bis(fluoranyl)phenol
7 water water
#
_entity_poly.entity_id   1
_entity_poly.type   'polypeptide(L)'
_entity_poly.pdbx_seq_one_letter_code
;AEKEKNAAEIRQQFAMTAGSPIIVNDKLERYAEVRTAFTHPTSFFKPNYKGEVKPWFLSAYDEKVRQIENGENGPKMKAK
NVGEARAGRALEAAGWTLDINYGNIYPNRFFMLWSGETMTNTQLWAPVGLDRRPPDTTDPVELTNYVKFAARMAGADLVG
VARLNRNWVYSEAVTIPADVPYEQSLHKEIEKPIVFKDVPLPIETDDELIIPNTCENVIVAGIAMNREMMQTAPNSMACA
TTAFCYSRMCMFDMWLCQFIRYMGYYAIPSCNGVGQSVAFAVEAGLGQASRMGACITPEFGPNVRLTKVFTNMPLVPDKP
IDFGVTEFCETCKKCARECPSKAITEGPRTFEGRSIHNQSGKLQWQNDYNKCLGYWPESGGYCGVCVAVCPFTKGNIWIH
DGVEWLIDNTRFLDPLMLGMDDALGYGAKRNITEVWDGKINTYGLDADHFRDTVSFRKDRVKKS
;
_entity_poly.pdbx_strand_id   A,B
#
loop_
_chem_comp.id
_chem_comp.type
_chem_comp.name
_chem_comp.formula
BEN non-polymer BENZAMIDINE 'C7 H8 N2'
BVQ non-polymer NORPSEUDO-B12 'C57 H82 Co N16 O14 P 5'
GOL non-polymer GLYCEROL 'C3 H8 O3'
SF4 non-polymer 'IRON/SULFUR CLUSTER' 'Fe4 S4'
ZTN non-polymer 2,3-bis(fluoranyl)phenol 'C6 H4 F2 O'
#
# COMPACT_ATOMS: atom_id res chain seq x y z
N ALA A 1 -37.51 -3.25 -12.74
CA ALA A 1 -36.53 -2.31 -12.25
C ALA A 1 -35.10 -2.85 -12.40
N GLU A 2 -34.13 -1.95 -12.27
CA GLU A 2 -32.72 -2.32 -12.39
C GLU A 2 -32.29 -3.23 -11.26
N LYS A 3 -31.84 -4.45 -11.56
CA LYS A 3 -31.26 -5.29 -10.53
C LYS A 3 -29.85 -4.78 -10.20
N GLU A 4 -29.59 -4.56 -8.91
CA GLU A 4 -28.32 -4.00 -8.51
C GLU A 4 -27.20 -5.01 -8.74
N LYS A 5 -26.06 -4.51 -9.20
CA LYS A 5 -24.97 -5.39 -9.62
C LYS A 5 -24.48 -6.24 -8.46
N ASN A 6 -24.26 -7.52 -8.74
CA ASN A 6 -23.87 -8.51 -7.73
C ASN A 6 -22.67 -9.28 -8.27
N ALA A 7 -21.47 -8.85 -7.91
CA ALA A 7 -20.27 -9.47 -8.45
C ALA A 7 -20.13 -10.92 -8.00
N ALA A 8 -20.55 -11.23 -6.78
CA ALA A 8 -20.45 -12.60 -6.29
C ALA A 8 -21.36 -13.53 -7.09
N GLU A 9 -22.56 -13.07 -7.40
CA GLU A 9 -23.51 -13.82 -8.25
C GLU A 9 -22.94 -14.07 -9.63
N ILE A 10 -22.34 -13.03 -10.23
CA ILE A 10 -21.73 -13.17 -11.54
C ILE A 10 -20.68 -14.26 -11.52
N ARG A 11 -19.77 -14.23 -10.53
CA ARG A 11 -18.72 -15.24 -10.50
C ARG A 11 -19.29 -16.64 -10.29
N GLN A 12 -20.34 -16.74 -9.47
CA GLN A 12 -20.96 -18.06 -9.28
C GLN A 12 -21.59 -18.56 -10.57
N GLN A 13 -22.19 -17.66 -11.34
CA GLN A 13 -22.89 -18.08 -12.56
C GLN A 13 -21.93 -18.66 -13.60
N PHE A 14 -20.74 -18.11 -13.69
CA PHE A 14 -19.77 -18.45 -14.72
C PHE A 14 -18.67 -19.39 -14.23
N ALA A 15 -18.79 -19.93 -13.02
CA ALA A 15 -17.79 -20.84 -12.50
C ALA A 15 -17.77 -22.13 -13.33
N MET A 16 -16.56 -22.64 -13.61
CA MET A 16 -16.37 -23.89 -14.33
C MET A 16 -16.07 -25.03 -13.35
N THR A 17 -16.09 -26.26 -13.87
CA THR A 17 -15.61 -27.38 -13.08
C THR A 17 -14.09 -27.34 -12.97
N ALA A 18 -13.56 -28.08 -11.99
CA ALA A 18 -12.13 -28.04 -11.71
C ALA A 18 -11.31 -28.46 -12.91
N GLY A 19 -10.12 -27.89 -13.00
CA GLY A 19 -9.18 -28.23 -14.05
C GLY A 19 -8.57 -27.01 -14.70
N SER A 20 -7.25 -27.00 -14.89
CA SER A 20 -6.60 -25.89 -15.57
C SER A 20 -7.26 -25.67 -16.94
N PRO A 21 -7.76 -24.47 -17.22
CA PRO A 21 -8.40 -24.23 -18.52
C PRO A 21 -7.42 -24.07 -19.67
N ILE A 22 -6.13 -23.94 -19.39
CA ILE A 22 -5.16 -23.65 -20.44
C ILE A 22 -4.85 -24.93 -21.20
N ILE A 23 -4.97 -24.85 -22.51
CA ILE A 23 -4.83 -26.01 -23.38
C ILE A 23 -3.38 -26.07 -23.84
N VAL A 24 -2.74 -27.22 -23.66
CA VAL A 24 -1.31 -27.35 -23.93
C VAL A 24 -1.08 -28.54 -24.84
N ASN A 25 0.09 -28.56 -25.48
CA ASN A 25 0.48 -29.75 -26.22
C ASN A 25 1.89 -30.18 -25.82
N ASP A 26 2.48 -31.09 -26.59
CA ASP A 26 3.71 -31.73 -26.17
C ASP A 26 4.95 -30.86 -26.31
N LYS A 27 4.89 -29.77 -27.05
CA LYS A 27 6.09 -28.95 -27.16
C LYS A 27 6.21 -27.94 -26.02
N LEU A 28 5.34 -28.01 -25.02
CA LEU A 28 5.42 -27.09 -23.89
C LEU A 28 6.63 -27.40 -23.01
N GLU A 29 7.46 -26.38 -22.79
N GLU A 29 7.45 -26.39 -22.76
CA GLU A 29 8.57 -26.43 -21.87
CA GLU A 29 8.54 -26.50 -21.81
C GLU A 29 8.52 -25.21 -20.97
C GLU A 29 8.62 -25.20 -21.01
N ARG A 30 9.15 -25.30 -19.80
CA ARG A 30 9.24 -24.10 -18.96
C ARG A 30 10.10 -23.05 -19.67
N TYR A 31 9.77 -21.79 -19.41
CA TYR A 31 10.25 -20.65 -20.17
C TYR A 31 11.30 -19.90 -19.36
N ALA A 32 12.46 -19.63 -19.97
CA ALA A 32 13.50 -18.88 -19.26
C ALA A 32 13.15 -17.39 -19.24
N GLU A 33 13.15 -16.80 -18.04
CA GLU A 33 12.68 -15.42 -17.88
C GLU A 33 13.47 -14.44 -18.74
N VAL A 34 14.74 -14.73 -19.02
CA VAL A 34 15.54 -13.82 -19.85
C VAL A 34 14.94 -13.61 -21.23
N ARG A 35 14.05 -14.51 -21.69
CA ARG A 35 13.43 -14.38 -23.00
C ARG A 35 12.42 -13.25 -23.07
N THR A 36 11.99 -12.64 -21.95
CA THR A 36 10.98 -11.59 -22.06
C THR A 36 11.55 -10.39 -22.80
N ALA A 37 10.68 -9.59 -23.41
CA ALA A 37 11.20 -8.48 -24.22
C ALA A 37 11.97 -7.48 -23.37
N PHE A 38 11.64 -7.36 -22.09
CA PHE A 38 12.33 -6.44 -21.21
C PHE A 38 13.80 -6.80 -21.04
N THR A 39 14.13 -8.10 -21.13
CA THR A 39 15.44 -8.57 -20.72
C THR A 39 16.25 -9.16 -21.86
N HIS A 40 15.61 -9.64 -22.91
CA HIS A 40 16.35 -10.38 -23.92
C HIS A 40 17.23 -9.43 -24.74
N PRO A 41 18.45 -9.84 -25.10
CA PRO A 41 19.32 -8.92 -25.84
C PRO A 41 18.76 -8.49 -27.19
N THR A 42 17.88 -9.28 -27.82
CA THR A 42 17.34 -8.90 -29.12
C THR A 42 16.37 -7.73 -29.03
N SER A 43 15.76 -7.53 -27.87
CA SER A 43 14.71 -6.56 -27.69
C SER A 43 15.07 -5.48 -26.68
N PHE A 44 16.06 -5.73 -25.82
CA PHE A 44 16.40 -4.84 -24.71
C PHE A 44 16.83 -3.47 -25.20
N PHE A 45 17.45 -3.41 -26.37
CA PHE A 45 18.01 -2.18 -26.90
C PHE A 45 17.02 -1.54 -27.88
N LYS A 46 16.82 -0.24 -27.74
CA LYS A 46 15.91 0.51 -28.60
C LYS A 46 16.52 1.87 -28.87
N PRO A 47 16.29 2.42 -30.05
CA PRO A 47 16.79 3.77 -30.35
C PRO A 47 15.97 4.81 -29.60
N ASN A 48 16.62 5.92 -29.26
CA ASN A 48 15.89 7.08 -28.75
C ASN A 48 15.49 7.97 -29.93
N TYR A 49 14.94 9.15 -29.64
CA TYR A 49 14.42 9.99 -30.72
C TYR A 49 15.53 10.62 -31.55
N LYS A 50 16.77 10.57 -31.08
CA LYS A 50 17.93 11.00 -31.85
C LYS A 50 18.60 9.85 -32.58
N GLY A 51 18.02 8.65 -32.53
CA GLY A 51 18.59 7.48 -33.16
C GLY A 51 19.67 6.77 -32.38
N GLU A 52 19.96 7.18 -31.14
CA GLU A 52 20.95 6.50 -30.31
C GLU A 52 20.38 5.20 -29.72
N VAL A 53 21.15 4.12 -29.80
CA VAL A 53 20.69 2.81 -29.33
C VAL A 53 21.08 2.62 -27.87
N LYS A 54 20.08 2.35 -27.02
CA LYS A 54 20.26 2.35 -25.58
C LYS A 54 19.38 1.29 -24.96
N PRO A 55 19.62 0.91 -23.71
CA PRO A 55 18.61 0.15 -22.96
C PRO A 55 17.27 0.85 -23.09
N TRP A 56 16.22 0.07 -23.33
CA TRP A 56 14.94 0.64 -23.73
C TRP A 56 14.47 1.72 -22.77
N PHE A 57 14.64 1.51 -21.45
CA PHE A 57 14.07 2.49 -20.52
C PHE A 57 14.86 3.80 -20.52
N LEU A 58 16.16 3.74 -20.84
CA LEU A 58 16.92 4.98 -20.99
C LEU A 58 16.48 5.77 -22.23
N SER A 59 16.20 5.07 -23.34
CA SER A 59 15.63 5.77 -24.49
C SER A 59 14.29 6.38 -24.15
N ALA A 60 13.48 5.68 -23.34
CA ALA A 60 12.19 6.26 -22.95
C ALA A 60 12.39 7.47 -22.04
N TYR A 61 13.37 7.41 -21.12
CA TYR A 61 13.70 8.58 -20.31
C TYR A 61 13.96 9.80 -21.19
N ASP A 62 14.73 9.60 -22.27
CA ASP A 62 15.05 10.72 -23.15
C ASP A 62 13.78 11.35 -23.70
N GLU A 63 12.78 10.52 -24.03
CA GLU A 63 11.51 11.04 -24.55
C GLU A 63 10.70 11.75 -23.46
N LYS A 64 10.73 11.24 -22.23
CA LYS A 64 10.04 11.92 -21.15
C LYS A 64 10.61 13.32 -20.96
N VAL A 65 11.93 13.44 -20.97
CA VAL A 65 12.59 14.74 -20.77
C VAL A 65 12.19 15.68 -21.89
N ARG A 66 12.25 15.20 -23.14
CA ARG A 66 11.86 15.99 -24.31
C ARG A 66 10.41 16.45 -24.21
N GLN A 67 9.51 15.57 -23.75
CA GLN A 67 8.11 15.96 -23.62
C GLN A 67 7.93 17.06 -22.58
N ILE A 68 8.58 16.94 -21.42
CA ILE A 68 8.42 17.97 -20.40
C ILE A 68 8.92 19.31 -20.94
N GLU A 69 10.09 19.30 -21.57
CA GLU A 69 10.64 20.53 -22.13
C GLU A 69 9.71 21.16 -23.15
N ASN A 70 8.97 20.34 -23.89
CA ASN A 70 8.03 20.83 -24.89
C ASN A 70 6.61 20.93 -24.38
N GLY A 71 6.40 20.81 -23.07
CA GLY A 71 5.05 20.93 -22.53
C GLY A 71 4.06 19.90 -23.05
N GLU A 72 4.47 18.63 -23.13
CA GLU A 72 3.62 17.56 -23.62
C GLU A 72 3.42 16.50 -22.55
N ASN A 73 2.25 15.87 -22.57
CA ASN A 73 1.93 14.78 -21.65
C ASN A 73 2.12 13.41 -22.30
N GLY A 74 2.48 13.37 -23.58
CA GLY A 74 2.59 12.15 -24.33
C GLY A 74 2.98 12.48 -25.75
N PRO A 75 3.08 11.48 -26.62
CA PRO A 75 3.58 11.74 -27.98
C PRO A 75 2.59 12.58 -28.76
N LYS A 76 3.03 13.76 -29.22
CA LYS A 76 2.19 14.67 -29.99
C LYS A 76 0.98 15.15 -29.17
N MET A 77 1.06 15.07 -27.85
CA MET A 77 -0.08 15.41 -27.00
C MET A 77 0.33 16.57 -26.11
N LYS A 78 -0.13 17.77 -26.48
CA LYS A 78 0.23 18.97 -25.75
C LYS A 78 -0.43 18.97 -24.38
N ALA A 79 0.35 19.32 -23.34
CA ALA A 79 -0.19 19.55 -22.02
C ALA A 79 -0.75 20.96 -21.91
N LYS A 80 -1.46 21.23 -20.81
CA LYS A 80 -1.87 22.61 -20.52
C LYS A 80 -0.68 23.54 -20.47
N ASN A 81 0.42 23.09 -19.88
CA ASN A 81 1.65 23.87 -19.78
C ASN A 81 2.76 22.94 -19.31
N VAL A 82 3.99 23.48 -19.21
CA VAL A 82 5.12 22.64 -18.82
C VAL A 82 4.93 22.08 -17.41
N GLY A 83 4.35 22.87 -16.52
CA GLY A 83 4.15 22.41 -15.16
C GLY A 83 3.23 21.20 -15.08
N GLU A 84 2.20 21.17 -15.93
CA GLU A 84 1.35 19.98 -15.99
C GLU A 84 2.13 18.78 -16.51
N ALA A 85 2.91 18.98 -17.58
CA ALA A 85 3.75 17.90 -18.09
C ALA A 85 4.67 17.38 -16.98
N ARG A 86 5.33 18.30 -16.28
CA ARG A 86 6.20 17.93 -15.16
C ARG A 86 5.47 17.14 -14.10
N ALA A 87 4.26 17.57 -13.73
CA ALA A 87 3.53 16.90 -12.65
C ALA A 87 3.19 15.46 -12.99
N GLY A 88 2.79 15.19 -14.24
CA GLY A 88 2.48 13.80 -14.62
C GLY A 88 3.69 12.89 -14.49
N ARG A 89 4.88 13.38 -14.89
CA ARG A 89 6.05 12.52 -14.77
C ARG A 89 6.53 12.41 -13.33
N ALA A 90 6.34 13.46 -12.52
CA ALA A 90 6.67 13.34 -11.09
C ALA A 90 5.79 12.32 -10.41
N LEU A 91 4.50 12.31 -10.74
CA LEU A 91 3.58 11.32 -10.20
C LEU A 91 3.97 9.91 -10.62
N GLU A 92 4.23 9.72 -11.93
CA GLU A 92 4.71 8.43 -12.43
C GLU A 92 5.97 7.97 -11.68
N ALA A 93 7.00 8.82 -11.63
CA ALA A 93 8.24 8.39 -10.99
C ALA A 93 8.03 8.04 -9.52
N ALA A 94 7.25 8.84 -8.80
CA ALA A 94 6.98 8.55 -7.39
C ALA A 94 6.26 7.22 -7.21
N GLY A 95 5.40 6.86 -8.16
CA GLY A 95 4.60 5.66 -7.99
C GLY A 95 5.45 4.42 -7.77
N TRP A 96 6.65 4.39 -8.38
CA TRP A 96 7.57 3.26 -8.37
C TRP A 96 8.40 3.14 -7.09
N THR A 97 8.10 3.94 -6.05
CA THR A 97 8.97 4.03 -4.88
C THR A 97 9.29 2.66 -4.27
N LEU A 98 8.32 1.74 -4.21
CA LEU A 98 8.55 0.46 -3.56
C LEU A 98 8.76 -0.67 -4.57
N ASP A 99 9.43 -0.39 -5.69
CA ASP A 99 9.64 -1.38 -6.74
C ASP A 99 11.07 -1.26 -7.23
N ILE A 100 11.76 -2.38 -7.41
CA ILE A 100 13.16 -2.39 -7.81
C ILE A 100 13.24 -2.65 -9.32
N ASN A 101 13.86 -1.74 -10.06
CA ASN A 101 14.25 -1.93 -11.47
C ASN A 101 13.09 -2.42 -12.34
N TYR A 102 11.93 -1.81 -12.15
CA TYR A 102 10.74 -2.04 -12.98
C TYR A 102 10.26 -3.49 -12.89
N GLY A 103 9.84 -3.89 -11.69
CA GLY A 103 9.05 -5.11 -11.57
C GLY A 103 9.38 -6.04 -10.42
N ASN A 104 10.43 -5.75 -9.67
CA ASN A 104 10.84 -6.61 -8.56
C ASN A 104 11.11 -8.05 -9.00
N ILE A 105 11.76 -8.23 -10.17
CA ILE A 105 11.86 -9.61 -10.66
C ILE A 105 12.96 -10.44 -10.00
N TYR A 106 14.01 -9.84 -9.43
CA TYR A 106 15.09 -10.66 -8.85
C TYR A 106 14.56 -11.43 -7.65
N PRO A 107 14.52 -12.77 -7.70
CA PRO A 107 14.03 -13.52 -6.53
C PRO A 107 14.99 -13.43 -5.36
N ASN A 108 14.42 -13.33 -4.16
CA ASN A 108 15.19 -13.40 -2.91
C ASN A 108 16.22 -12.26 -2.82
N ARG A 109 15.87 -11.11 -3.40
CA ARG A 109 16.66 -9.89 -3.29
C ARG A 109 15.74 -8.76 -2.86
N PHE A 110 16.28 -7.81 -2.12
CA PHE A 110 15.60 -6.55 -1.78
C PHE A 110 14.26 -6.80 -1.09
N PHE A 111 13.14 -6.49 -1.75
CA PHE A 111 11.84 -6.71 -1.14
C PHE A 111 11.33 -8.15 -1.30
N MET A 112 11.92 -8.93 -2.20
CA MET A 112 11.38 -10.24 -2.53
C MET A 112 12.06 -11.35 -1.77
N LEU A 113 12.29 -11.17 -0.46
CA LEU A 113 13.01 -12.21 0.28
C LEU A 113 12.17 -13.49 0.41
N TRP A 114 12.83 -14.63 0.24
CA TRP A 114 12.17 -15.92 0.31
C TRP A 114 12.04 -16.45 1.74
N SER A 115 12.77 -15.87 2.67
CA SER A 115 12.61 -16.10 4.10
C SER A 115 12.37 -14.77 4.80
N GLY A 116 11.55 -14.81 5.86
CA GLY A 116 11.38 -13.59 6.65
C GLY A 116 12.47 -13.31 7.68
N GLU A 117 13.45 -14.20 7.85
CA GLU A 117 14.32 -14.17 9.02
C GLU A 117 15.05 -12.83 9.19
N THR A 118 15.52 -12.22 8.09
CA THR A 118 16.32 -11.02 8.22
C THR A 118 15.50 -9.73 8.24
N MET A 119 14.18 -9.81 8.01
CA MET A 119 13.38 -8.60 7.93
C MET A 119 13.31 -7.90 9.29
N THR A 120 13.26 -6.56 9.25
CA THR A 120 13.18 -5.79 10.49
C THR A 120 11.92 -6.15 11.29
N ASN A 121 10.80 -6.37 10.60
CA ASN A 121 9.57 -6.74 11.29
C ASN A 121 9.71 -8.10 11.97
N THR A 122 10.30 -9.07 11.28
CA THR A 122 10.48 -10.39 11.88
C THR A 122 11.38 -10.32 13.10
N GLN A 123 12.47 -9.56 13.01
CA GLN A 123 13.36 -9.39 14.16
C GLN A 123 12.63 -8.76 15.34
N LEU A 124 11.81 -7.74 15.07
CA LEU A 124 11.11 -7.05 16.16
C LEU A 124 10.16 -7.99 16.89
N TRP A 125 9.51 -8.89 16.15
CA TRP A 125 8.50 -9.81 16.67
C TRP A 125 9.07 -11.14 17.13
N ALA A 126 10.37 -11.36 16.97
CA ALA A 126 10.96 -12.67 17.24
C ALA A 126 10.61 -13.25 18.61
N PRO A 127 10.51 -12.48 19.70
CA PRO A 127 10.18 -13.10 21.01
C PRO A 127 8.87 -13.83 21.05
N VAL A 128 7.93 -13.51 20.16
CA VAL A 128 6.64 -14.19 20.19
C VAL A 128 6.74 -15.56 19.54
N GLY A 129 7.70 -15.75 18.64
CA GLY A 129 7.94 -17.04 18.03
C GLY A 129 6.94 -17.44 16.99
N LEU A 130 6.16 -16.50 16.42
CA LEU A 130 5.11 -16.90 15.48
C LEU A 130 5.68 -17.60 14.25
N ASP A 131 6.88 -17.22 13.82
CA ASP A 131 7.44 -17.83 12.63
C ASP A 131 8.15 -19.15 12.92
N ARG A 132 8.33 -19.49 14.20
CA ARG A 132 8.95 -20.77 14.56
C ARG A 132 7.99 -21.75 15.23
N ARG A 133 6.79 -21.33 15.60
CA ARG A 133 5.80 -22.20 16.22
C ARG A 133 5.07 -23.00 15.14
N PRO A 134 4.89 -24.32 15.31
CA PRO A 134 4.19 -25.09 14.28
C PRO A 134 2.78 -24.56 14.07
N PRO A 135 2.20 -24.78 12.88
CA PRO A 135 0.87 -24.25 12.62
C PRO A 135 -0.15 -24.75 13.64
N ASP A 136 -1.05 -23.85 14.06
CA ASP A 136 -2.19 -24.24 14.89
C ASP A 136 -3.42 -24.54 14.07
N THR A 137 -3.40 -24.23 12.78
CA THR A 137 -4.48 -24.55 11.86
C THR A 137 -3.90 -25.29 10.67
N THR A 138 -4.43 -26.47 10.37
CA THR A 138 -4.06 -27.18 9.16
C THR A 138 -5.26 -27.41 8.25
N ASP A 139 -6.45 -27.01 8.67
CA ASP A 139 -7.66 -27.21 7.88
C ASP A 139 -7.64 -26.26 6.68
N PRO A 140 -7.60 -26.77 5.45
CA PRO A 140 -7.55 -25.88 4.27
C PRO A 140 -8.72 -24.92 4.19
N VAL A 141 -9.90 -25.32 4.69
CA VAL A 141 -11.06 -24.45 4.60
C VAL A 141 -10.86 -23.20 5.46
N GLU A 142 -10.48 -23.39 6.73
CA GLU A 142 -10.24 -22.24 7.59
C GLU A 142 -9.04 -21.43 7.10
N LEU A 143 -7.98 -22.11 6.64
CA LEU A 143 -6.81 -21.36 6.17
C LEU A 143 -7.15 -20.50 4.96
N THR A 144 -8.04 -20.99 4.09
CA THR A 144 -8.38 -20.20 2.90
C THR A 144 -9.12 -18.94 3.31
N ASN A 145 -10.03 -19.06 4.28
CA ASN A 145 -10.74 -17.87 4.76
C ASN A 145 -9.79 -16.89 5.42
N TYR A 146 -8.91 -17.39 6.31
CA TYR A 146 -7.94 -16.51 6.97
C TYR A 146 -7.03 -15.83 5.95
N VAL A 147 -6.48 -16.58 5.00
CA VAL A 147 -5.49 -15.96 4.11
C VAL A 147 -6.15 -15.00 3.13
N LYS A 148 -7.40 -15.27 2.72
CA LYS A 148 -8.05 -14.31 1.82
C LYS A 148 -8.43 -13.03 2.57
N PHE A 149 -8.88 -13.15 3.82
CA PHE A 149 -9.13 -11.95 4.62
C PHE A 149 -7.86 -11.11 4.75
N ALA A 150 -6.75 -11.76 5.09
CA ALA A 150 -5.47 -11.06 5.16
C ALA A 150 -5.11 -10.44 3.81
N ALA A 151 -5.38 -11.14 2.71
CA ALA A 151 -5.06 -10.59 1.39
C ALA A 151 -5.81 -9.30 1.12
N ARG A 152 -7.08 -9.21 1.55
CA ARG A 152 -7.83 -7.98 1.34
C ARG A 152 -7.25 -6.85 2.20
N MET A 153 -6.91 -7.15 3.46
CA MET A 153 -6.22 -6.16 4.29
C MET A 153 -4.95 -5.65 3.61
N ALA A 154 -4.26 -6.56 2.91
CA ALA A 154 -2.97 -6.24 2.30
C ALA A 154 -3.11 -5.55 0.95
N GLY A 155 -4.33 -5.18 0.52
CA GLY A 155 -4.48 -4.33 -0.64
C GLY A 155 -4.93 -5.04 -1.90
N ALA A 156 -5.21 -6.34 -1.85
CA ALA A 156 -5.78 -7.00 -3.02
C ALA A 156 -7.24 -6.59 -3.20
N ASP A 157 -7.59 -6.27 -4.45
CA ASP A 157 -8.99 -6.10 -4.84
C ASP A 157 -9.64 -7.41 -5.25
N LEU A 158 -8.85 -8.35 -5.78
CA LEU A 158 -9.29 -9.71 -6.11
C LEU A 158 -8.27 -10.66 -5.50
N VAL A 159 -8.73 -11.82 -5.04
CA VAL A 159 -7.77 -12.84 -4.61
C VAL A 159 -8.32 -14.21 -4.98
N GLY A 160 -7.42 -15.09 -5.44
CA GLY A 160 -7.82 -16.46 -5.76
C GLY A 160 -6.69 -17.41 -5.45
N VAL A 161 -7.03 -18.70 -5.37
CA VAL A 161 -6.07 -19.75 -5.02
C VAL A 161 -6.07 -20.79 -6.14
N ALA A 162 -4.88 -21.26 -6.52
CA ALA A 162 -4.79 -22.42 -7.42
C ALA A 162 -3.70 -23.35 -6.91
N ARG A 163 -3.81 -24.62 -7.30
CA ARG A 163 -2.62 -25.48 -7.20
C ARG A 163 -1.56 -24.91 -8.12
N LEU A 164 -0.30 -25.04 -7.71
CA LEU A 164 0.81 -24.50 -8.47
C LEU A 164 1.07 -25.39 -9.68
N ASN A 165 0.95 -24.81 -10.88
CA ASN A 165 1.29 -25.49 -12.13
C ASN A 165 2.71 -25.08 -12.50
N ARG A 166 3.64 -26.02 -12.39
CA ARG A 166 5.05 -25.68 -12.59
C ARG A 166 5.35 -25.28 -14.03
N ASN A 167 4.45 -25.56 -14.98
CA ASN A 167 4.68 -25.14 -16.37
C ASN A 167 4.86 -23.64 -16.48
N TRP A 168 4.29 -22.87 -15.56
CA TRP A 168 4.33 -21.41 -15.64
C TRP A 168 5.42 -20.81 -14.78
N VAL A 169 6.16 -21.62 -14.03
CA VAL A 169 7.30 -21.13 -13.27
C VAL A 169 8.50 -21.04 -14.23
N TYR A 170 9.18 -19.90 -14.22
CA TYR A 170 10.32 -19.71 -15.11
C TYR A 170 11.35 -20.82 -14.89
N SER A 171 11.93 -21.32 -15.98
CA SER A 171 12.96 -22.33 -15.83
C SER A 171 14.21 -21.76 -15.20
N GLU A 172 14.56 -20.53 -15.57
CA GLU A 172 15.64 -19.78 -14.97
C GLU A 172 15.16 -18.36 -14.74
N ALA A 173 15.55 -17.79 -13.60
CA ALA A 173 15.19 -16.41 -13.29
C ALA A 173 16.30 -15.46 -13.73
N VAL A 174 15.95 -14.21 -13.91
CA VAL A 174 16.92 -13.12 -14.00
C VAL A 174 17.13 -12.58 -12.59
N THR A 175 18.38 -12.51 -12.16
CA THR A 175 18.66 -12.04 -10.81
C THR A 175 20.02 -11.35 -10.79
N ILE A 176 20.53 -11.06 -9.60
CA ILE A 176 21.89 -10.56 -9.42
C ILE A 176 22.56 -11.38 -8.33
N PRO A 177 23.90 -11.44 -8.35
CA PRO A 177 24.60 -12.12 -7.26
C PRO A 177 24.31 -11.45 -5.92
N ALA A 178 24.35 -12.25 -4.86
CA ALA A 178 23.95 -11.78 -3.54
C ALA A 178 24.89 -10.71 -3.00
N ASP A 179 26.12 -10.64 -3.48
CA ASP A 179 27.07 -9.63 -2.99
C ASP A 179 27.05 -8.34 -3.80
N VAL A 180 26.15 -8.20 -4.77
CA VAL A 180 26.14 -7.02 -5.64
C VAL A 180 25.22 -5.96 -5.04
N PRO A 181 25.70 -4.74 -4.81
CA PRO A 181 24.85 -3.68 -4.26
C PRO A 181 23.93 -3.12 -5.34
N TYR A 182 22.93 -2.36 -4.89
CA TYR A 182 21.90 -1.89 -5.81
C TYR A 182 22.47 -1.08 -6.97
N GLU A 183 23.43 -0.19 -6.69
CA GLU A 183 23.88 0.70 -7.77
C GLU A 183 24.58 -0.05 -8.90
N GLN A 184 25.03 -1.28 -8.67
CA GLN A 184 25.59 -2.11 -9.74
C GLN A 184 24.59 -3.10 -10.33
N SER A 185 23.36 -3.17 -9.81
CA SER A 185 22.47 -4.28 -10.16
C SER A 185 22.24 -4.39 -11.67
N LEU A 186 21.94 -3.28 -12.34
CA LEU A 186 21.57 -3.37 -13.73
C LEU A 186 22.73 -3.85 -14.61
N HIS A 187 23.97 -3.71 -14.15
CA HIS A 187 25.14 -4.13 -14.90
C HIS A 187 25.57 -5.55 -14.59
N LYS A 188 25.05 -6.16 -13.54
CA LYS A 188 25.51 -7.45 -13.07
C LYS A 188 24.43 -8.53 -13.08
N GLU A 189 23.38 -8.35 -13.89
CA GLU A 189 22.30 -9.32 -13.93
C GLU A 189 22.79 -10.65 -14.52
N ILE A 190 22.27 -11.74 -13.96
CA ILE A 190 22.65 -13.10 -14.32
C ILE A 190 21.38 -13.94 -14.43
N GLU A 191 21.50 -15.14 -14.99
CA GLU A 191 20.43 -16.12 -14.91
C GLU A 191 20.72 -17.13 -13.82
N LYS A 192 19.65 -17.67 -13.22
CA LYS A 192 19.81 -18.66 -12.19
C LYS A 192 18.64 -19.64 -12.23
N PRO A 193 18.90 -20.95 -12.28
CA PRO A 193 17.79 -21.90 -12.38
C PRO A 193 16.87 -21.89 -11.17
N ILE A 194 15.59 -22.10 -11.43
CA ILE A 194 14.59 -22.37 -10.40
C ILE A 194 14.28 -23.85 -10.43
N VAL A 195 14.54 -24.55 -9.32
CA VAL A 195 14.37 -25.99 -9.30
C VAL A 195 13.49 -26.37 -8.12
N PHE A 196 12.94 -27.57 -8.20
CA PHE A 196 12.06 -28.12 -7.17
C PHE A 196 12.73 -29.34 -6.56
N LYS A 197 12.91 -29.33 -5.25
CA LYS A 197 13.68 -30.37 -4.58
C LYS A 197 13.00 -30.72 -3.26
N ASP A 198 13.37 -31.88 -2.73
CA ASP A 198 12.89 -32.32 -1.42
C ASP A 198 13.72 -31.66 -0.32
N VAL A 199 13.35 -30.41 -0.04
CA VAL A 199 13.96 -29.64 1.06
C VAL A 199 12.81 -29.09 1.91
N PRO A 200 13.09 -28.72 3.16
CA PRO A 200 11.99 -28.27 4.03
C PRO A 200 11.54 -26.85 3.73
N LEU A 201 12.45 -25.99 3.31
CA LEU A 201 12.14 -24.56 3.18
C LEU A 201 12.71 -24.01 1.88
N PRO A 202 12.10 -22.97 1.33
CA PRO A 202 12.71 -22.27 0.18
C PRO A 202 14.12 -21.83 0.54
N ILE A 203 15.06 -22.08 -0.38
CA ILE A 203 16.46 -21.79 -0.09
C ILE A 203 17.17 -21.49 -1.40
N GLU A 204 18.17 -20.60 -1.32
CA GLU A 204 18.96 -20.24 -2.48
C GLU A 204 20.41 -20.65 -2.23
N THR A 205 20.99 -21.38 -3.16
CA THR A 205 22.41 -21.70 -3.09
C THR A 205 23.15 -20.84 -4.11
N ASP A 206 24.46 -21.01 -4.18
CA ASP A 206 25.23 -20.30 -5.20
C ASP A 206 24.74 -20.66 -6.61
N ASP A 207 24.20 -21.87 -6.80
CA ASP A 207 23.87 -22.37 -8.13
C ASP A 207 22.39 -22.33 -8.46
N GLU A 208 21.50 -22.40 -7.47
CA GLU A 208 20.08 -22.65 -7.73
C GLU A 208 19.18 -21.90 -6.76
N LEU A 209 18.02 -21.49 -7.27
CA LEU A 209 16.89 -21.12 -6.44
C LEU A 209 16.03 -22.36 -6.25
N ILE A 210 15.84 -22.79 -5.00
CA ILE A 210 15.24 -24.09 -4.72
C ILE A 210 13.89 -23.89 -4.06
N ILE A 211 12.84 -24.33 -4.74
CA ILE A 211 11.48 -24.32 -4.19
C ILE A 211 11.20 -25.72 -3.68
N PRO A 212 10.65 -25.87 -2.48
CA PRO A 212 10.37 -27.21 -1.97
C PRO A 212 9.28 -27.90 -2.78
N ASN A 213 9.41 -29.23 -2.90
CA ASN A 213 8.35 -30.01 -3.51
C ASN A 213 7.04 -29.90 -2.74
N THR A 214 7.08 -29.51 -1.47
CA THR A 214 5.86 -29.29 -0.71
C THR A 214 5.14 -28.00 -1.09
N CYS A 215 5.69 -27.21 -2.00
CA CYS A 215 5.09 -25.92 -2.34
C CYS A 215 3.88 -26.16 -3.25
N GLU A 216 2.71 -26.36 -2.64
CA GLU A 216 1.56 -26.89 -3.35
C GLU A 216 0.74 -25.83 -4.07
N ASN A 217 0.71 -24.61 -3.53
CA ASN A 217 -0.34 -23.65 -3.89
C ASN A 217 0.25 -22.31 -4.30
N VAL A 218 -0.54 -21.58 -5.08
CA VAL A 218 -0.23 -20.20 -5.42
C VAL A 218 -1.46 -19.36 -5.09
N ILE A 219 -1.24 -18.22 -4.45
CA ILE A 219 -2.28 -17.25 -4.14
C ILE A 219 -2.07 -16.08 -5.10
N VAL A 220 -3.10 -15.73 -5.85
CA VAL A 220 -2.98 -14.70 -6.88
C VAL A 220 -3.82 -13.51 -6.47
N ALA A 221 -3.23 -12.31 -6.54
CA ALA A 221 -3.93 -11.08 -6.20
C ALA A 221 -4.11 -10.21 -7.43
N GLY A 222 -5.28 -9.60 -7.53
CA GLY A 222 -5.52 -8.52 -8.48
C GLY A 222 -5.53 -7.18 -7.76
N ILE A 223 -4.77 -6.22 -8.32
CA ILE A 223 -4.55 -4.89 -7.77
C ILE A 223 -5.12 -3.89 -8.78
N ALA A 224 -6.29 -3.31 -8.50
CA ALA A 224 -7.01 -2.55 -9.52
C ALA A 224 -6.34 -1.23 -9.84
N MET A 225 -6.21 -0.92 -11.14
CA MET A 225 -5.72 0.38 -11.59
C MET A 225 -6.89 1.35 -11.73
N ASN A 226 -6.56 2.62 -11.95
CA ASN A 226 -7.57 3.66 -12.02
C ASN A 226 -8.06 3.83 -13.45
N ARG A 227 -9.38 3.76 -13.64
CA ARG A 227 -9.96 3.80 -14.98
C ARG A 227 -9.67 5.13 -15.69
N GLU A 228 -9.93 6.26 -15.03
CA GLU A 228 -9.73 7.56 -15.69
C GLU A 228 -8.28 7.74 -16.11
N MET A 229 -7.34 7.31 -15.28
CA MET A 229 -5.94 7.50 -15.62
C MET A 229 -5.50 6.56 -16.74
N MET A 230 -5.96 5.31 -16.72
CA MET A 230 -5.56 4.39 -17.78
C MET A 230 -6.14 4.84 -19.13
N GLN A 231 -7.31 5.47 -19.12
N GLN A 231 -7.30 5.48 -19.11
CA GLN A 231 -7.88 5.93 -20.38
CA GLN A 231 -7.90 5.96 -20.35
C GLN A 231 -7.07 7.03 -21.03
C GLN A 231 -7.12 7.09 -21.00
N THR A 232 -6.08 7.61 -20.34
CA THR A 232 -5.18 8.57 -20.98
C THR A 232 -4.05 7.88 -21.73
N ALA A 233 -3.99 6.54 -21.72
CA ALA A 233 -2.98 5.82 -22.50
C ALA A 233 -2.96 6.36 -23.93
N PRO A 234 -1.75 6.55 -24.48
CA PRO A 234 -0.42 6.16 -23.98
C PRO A 234 0.29 7.27 -23.20
N ASN A 235 -0.46 8.21 -22.64
CA ASN A 235 0.15 9.40 -22.05
C ASN A 235 0.49 9.18 -20.59
N SER A 236 0.97 10.24 -19.92
CA SER A 236 1.70 10.04 -18.67
C SER A 236 0.80 9.56 -17.53
N MET A 237 -0.48 9.93 -17.51
CA MET A 237 -1.24 9.52 -16.32
C MET A 237 -1.52 8.03 -16.31
N ALA A 238 -1.55 7.39 -17.49
CA ALA A 238 -1.62 5.93 -17.54
C ALA A 238 -0.35 5.32 -16.96
N CYS A 239 0.80 5.97 -17.16
CA CYS A 239 2.04 5.51 -16.54
C CYS A 239 1.97 5.60 -15.03
N ALA A 240 1.30 6.64 -14.50
CA ALA A 240 1.25 6.85 -13.05
C ALA A 240 0.39 5.79 -12.36
N THR A 241 -0.78 5.44 -12.93
CA THR A 241 -1.55 4.40 -12.24
C THR A 241 -0.85 3.04 -12.32
N THR A 242 -0.16 2.76 -13.44
CA THR A 242 0.67 1.56 -13.53
C THR A 242 1.70 1.53 -12.41
N ALA A 243 2.44 2.64 -12.26
CA ALA A 243 3.55 2.71 -11.32
C ALA A 243 3.08 2.52 -9.88
N PHE A 244 2.06 3.27 -9.46
CA PHE A 244 1.56 3.14 -8.09
C PHE A 244 1.12 1.71 -7.80
N CYS A 245 0.52 1.03 -8.78
CA CYS A 245 0.08 -0.33 -8.52
C CYS A 245 1.24 -1.29 -8.37
N TYR A 246 2.41 -1.01 -8.99
CA TYR A 246 3.56 -1.86 -8.72
C TYR A 246 3.99 -1.75 -7.26
N SER A 247 3.94 -0.54 -6.69
CA SER A 247 4.30 -0.44 -5.27
C SER A 247 3.24 -1.10 -4.40
N ARG A 248 1.97 -1.02 -4.80
CA ARG A 248 0.94 -1.76 -4.07
C ARG A 248 1.17 -3.27 -4.14
N MET A 249 1.61 -3.78 -5.29
CA MET A 249 1.94 -5.20 -5.41
C MET A 249 3.01 -5.59 -4.41
N CYS A 250 4.07 -4.78 -4.32
CA CYS A 250 5.17 -5.11 -3.45
C CYS A 250 4.70 -5.18 -1.99
N MET A 251 3.93 -4.20 -1.54
N MET A 251 3.95 -4.17 -1.54
CA MET A 251 3.45 -4.23 -0.16
CA MET A 251 3.40 -4.19 -0.18
C MET A 251 2.52 -5.42 0.07
C MET A 251 2.55 -5.43 0.03
N PHE A 252 1.71 -5.77 -0.94
CA PHE A 252 0.86 -6.96 -0.82
C PHE A 252 1.71 -8.20 -0.55
N ASP A 253 2.72 -8.44 -1.41
CA ASP A 253 3.54 -9.63 -1.26
C ASP A 253 4.16 -9.70 0.12
N MET A 254 4.75 -8.59 0.60
CA MET A 254 5.47 -8.65 1.88
C MET A 254 4.49 -8.86 3.02
N TRP A 255 3.39 -8.11 3.02
CA TRP A 255 2.36 -8.31 4.04
C TRP A 255 1.89 -9.76 4.09
N LEU A 256 1.48 -10.31 2.94
CA LEU A 256 0.90 -11.64 2.92
C LEU A 256 1.93 -12.71 3.27
N CYS A 257 3.16 -12.58 2.77
CA CYS A 257 4.18 -13.56 3.11
C CYS A 257 4.42 -13.57 4.60
N GLN A 258 4.47 -12.39 5.23
CA GLN A 258 4.65 -12.34 6.67
C GLN A 258 3.47 -12.98 7.41
N PHE A 259 2.23 -12.73 6.96
CA PHE A 259 1.09 -13.39 7.58
C PHE A 259 1.23 -14.91 7.51
N ILE A 260 1.54 -15.42 6.31
CA ILE A 260 1.66 -16.86 6.11
C ILE A 260 2.77 -17.43 6.98
N ARG A 261 3.91 -16.74 7.04
CA ARG A 261 5.02 -17.20 7.87
C ARG A 261 4.63 -17.22 9.34
N TYR A 262 3.93 -16.18 9.79
CA TYR A 262 3.50 -16.10 11.18
C TYR A 262 2.37 -17.07 11.51
N MET A 263 1.76 -17.69 10.49
CA MET A 263 0.84 -18.80 10.69
C MET A 263 1.55 -20.16 10.75
N GLY A 264 2.85 -20.20 10.55
CA GLY A 264 3.63 -21.44 10.64
C GLY A 264 3.93 -22.12 9.33
N TYR A 265 3.80 -21.43 8.21
CA TYR A 265 4.07 -21.97 6.88
C TYR A 265 5.16 -21.12 6.23
N TYR A 266 5.63 -21.51 5.05
CA TYR A 266 6.55 -20.64 4.34
C TYR A 266 5.84 -19.97 3.17
N ALA A 267 6.49 -18.95 2.62
CA ALA A 267 5.85 -18.14 1.60
C ALA A 267 6.91 -17.50 0.72
N ILE A 268 6.69 -17.54 -0.59
CA ILE A 268 7.61 -16.99 -1.56
C ILE A 268 6.92 -15.83 -2.28
N PRO A 269 7.42 -14.61 -2.15
CA PRO A 269 6.85 -13.48 -2.90
C PRO A 269 7.34 -13.50 -4.34
N SER A 270 6.76 -12.64 -5.19
CA SER A 270 7.27 -12.63 -6.55
C SER A 270 7.07 -11.35 -7.37
N CYS A 271 5.97 -10.62 -7.17
CA CYS A 271 5.65 -9.50 -8.08
C CYS A 271 5.78 -9.94 -9.54
N ASN A 272 6.63 -9.31 -10.36
CA ASN A 272 6.74 -9.73 -11.76
C ASN A 272 7.72 -10.88 -11.99
N GLY A 273 8.38 -11.38 -10.95
CA GLY A 273 9.32 -12.48 -11.08
C GLY A 273 8.67 -13.86 -10.93
N VAL A 274 9.55 -14.87 -10.95
CA VAL A 274 9.32 -16.29 -10.59
C VAL A 274 8.48 -17.05 -11.61
N GLY A 275 7.33 -16.49 -12.03
CA GLY A 275 6.56 -17.18 -13.06
C GLY A 275 5.54 -16.26 -13.71
N GLN A 276 4.74 -16.84 -14.61
CA GLN A 276 3.87 -16.07 -15.50
C GLN A 276 2.52 -15.81 -14.82
N SER A 277 2.31 -14.54 -14.42
CA SER A 277 1.15 -14.16 -13.62
C SER A 277 -0.18 -14.41 -14.32
N VAL A 278 -0.25 -14.19 -15.62
CA VAL A 278 -1.53 -14.35 -16.32
C VAL A 278 -2.01 -15.81 -16.22
N ALA A 279 -1.10 -16.76 -16.42
CA ALA A 279 -1.49 -18.17 -16.34
C ALA A 279 -1.94 -18.54 -14.94
N PHE A 280 -1.22 -18.08 -13.91
CA PHE A 280 -1.66 -18.35 -12.55
C PHE A 280 -3.02 -17.74 -12.28
N ALA A 281 -3.23 -16.50 -12.74
CA ALA A 281 -4.52 -15.83 -12.51
C ALA A 281 -5.68 -16.58 -13.17
N VAL A 282 -5.45 -17.11 -14.38
CA VAL A 282 -6.50 -17.88 -15.05
C VAL A 282 -6.80 -19.15 -14.27
N GLU A 283 -5.76 -19.85 -13.81
CA GLU A 283 -5.98 -21.10 -13.08
C GLU A 283 -6.62 -20.86 -11.72
N ALA A 284 -6.40 -19.69 -11.13
CA ALA A 284 -7.00 -19.34 -9.85
C ALA A 284 -8.37 -18.70 -10.00
N GLY A 285 -8.87 -18.58 -11.23
CA GLY A 285 -10.23 -18.09 -11.45
C GLY A 285 -10.42 -16.58 -11.38
N LEU A 286 -9.34 -15.78 -11.40
CA LEU A 286 -9.55 -14.34 -11.41
C LEU A 286 -10.22 -13.87 -12.69
N GLY A 287 -9.93 -14.54 -13.81
CA GLY A 287 -10.52 -14.14 -15.08
C GLY A 287 -10.06 -15.08 -16.18
N GLN A 288 -10.16 -14.60 -17.42
CA GLN A 288 -9.79 -15.40 -18.59
C GLN A 288 -8.71 -14.71 -19.40
N ALA A 289 -7.92 -15.53 -20.11
CA ALA A 289 -6.97 -14.96 -21.06
C ALA A 289 -7.71 -14.31 -22.22
N SER A 290 -7.02 -13.38 -22.88
CA SER A 290 -7.63 -12.48 -23.86
C SER A 290 -6.75 -12.36 -25.09
N ARG A 291 -7.28 -11.72 -26.14
CA ARG A 291 -6.50 -11.48 -27.34
C ARG A 291 -5.24 -10.69 -27.04
N MET A 292 -5.35 -9.61 -26.24
CA MET A 292 -4.16 -8.82 -25.95
C MET A 292 -3.13 -9.62 -25.15
N GLY A 293 -3.57 -10.66 -24.43
CA GLY A 293 -2.68 -11.50 -23.64
C GLY A 293 -2.87 -11.35 -22.15
N ALA A 294 -3.59 -10.33 -21.71
CA ALA A 294 -3.82 -10.12 -20.29
C ALA A 294 -4.96 -10.98 -19.79
N CYS A 295 -5.01 -11.13 -18.46
CA CYS A 295 -6.17 -11.71 -17.79
C CYS A 295 -7.29 -10.66 -17.68
N ILE A 296 -8.44 -10.96 -18.27
CA ILE A 296 -9.61 -10.07 -18.21
C ILE A 296 -10.50 -10.56 -17.07
N THR A 297 -10.81 -9.66 -16.11
CA THR A 297 -11.62 -9.98 -14.96
C THR A 297 -13.01 -9.41 -15.13
N PRO A 298 -14.02 -10.02 -14.52
CA PRO A 298 -15.37 -9.43 -14.59
C PRO A 298 -15.47 -8.04 -13.97
N GLU A 299 -14.67 -7.75 -12.93
CA GLU A 299 -14.80 -6.50 -12.20
C GLU A 299 -14.07 -5.34 -12.88
N PHE A 300 -12.90 -5.60 -13.45
CA PHE A 300 -12.01 -4.56 -13.93
C PHE A 300 -11.61 -4.74 -15.38
N GLY A 301 -12.09 -5.79 -16.04
CA GLY A 301 -11.54 -6.15 -17.33
C GLY A 301 -10.05 -6.40 -17.15
N PRO A 302 -9.24 -6.01 -18.14
CA PRO A 302 -7.78 -6.19 -18.01
C PRO A 302 -7.11 -5.08 -17.21
N ASN A 303 -7.88 -4.10 -16.72
CA ASN A 303 -7.31 -2.91 -16.08
C ASN A 303 -7.01 -3.20 -14.61
N VAL A 304 -6.15 -4.18 -14.40
CA VAL A 304 -5.86 -4.68 -13.06
C VAL A 304 -4.47 -5.32 -13.13
N ARG A 305 -3.62 -5.05 -12.12
CA ARG A 305 -2.32 -5.68 -12.04
C ARG A 305 -2.41 -6.96 -11.23
N LEU A 306 -1.42 -7.83 -11.43
CA LEU A 306 -1.39 -9.14 -10.80
C LEU A 306 -0.08 -9.30 -10.02
N THR A 307 -0.18 -9.95 -8.87
CA THR A 307 1.00 -10.46 -8.21
C THR A 307 0.62 -11.80 -7.60
N LYS A 308 1.60 -12.52 -7.06
CA LYS A 308 1.28 -13.86 -6.54
C LYS A 308 2.30 -14.27 -5.50
N VAL A 309 1.86 -15.17 -4.62
CA VAL A 309 2.68 -15.71 -3.53
C VAL A 309 2.56 -17.23 -3.56
N PHE A 310 3.67 -17.94 -3.38
CA PHE A 310 3.70 -19.40 -3.42
C PHE A 310 3.85 -19.95 -2.02
N THR A 311 3.13 -21.03 -1.69
CA THR A 311 3.15 -21.47 -0.28
C THR A 311 2.79 -22.94 -0.14
N ASN A 312 3.23 -23.53 0.97
CA ASN A 312 2.79 -24.87 1.38
C ASN A 312 1.56 -24.85 2.29
N MET A 313 1.06 -23.67 2.66
CA MET A 313 -0.16 -23.58 3.45
C MET A 313 -1.26 -24.38 2.75
N PRO A 314 -1.90 -25.34 3.42
CA PRO A 314 -3.07 -26.00 2.83
C PRO A 314 -4.16 -24.99 2.53
N LEU A 315 -4.73 -25.10 1.32
CA LEU A 315 -5.75 -24.17 0.84
C LEU A 315 -6.75 -24.91 -0.05
N VAL A 316 -7.91 -24.31 -0.25
CA VAL A 316 -8.91 -24.84 -1.17
C VAL A 316 -8.76 -24.11 -2.50
N PRO A 317 -8.41 -24.77 -3.59
CA PRO A 317 -8.32 -24.07 -4.87
C PRO A 317 -9.68 -23.55 -5.31
N ASP A 318 -9.66 -22.38 -5.94
CA ASP A 318 -10.86 -21.80 -6.52
C ASP A 318 -11.16 -22.43 -7.87
N LYS A 319 -12.44 -22.28 -8.31
CA LYS A 319 -12.76 -22.82 -9.63
C LYS A 319 -12.41 -21.80 -10.72
N PRO A 320 -11.98 -22.22 -11.90
CA PRO A 320 -11.81 -21.27 -13.00
C PRO A 320 -13.16 -20.69 -13.40
N ILE A 321 -13.11 -19.59 -14.15
CA ILE A 321 -14.33 -18.89 -14.59
C ILE A 321 -14.33 -18.79 -16.10
N ASP A 322 -15.52 -18.94 -16.70
CA ASP A 322 -15.69 -18.79 -18.14
C ASP A 322 -16.89 -17.87 -18.33
N PHE A 323 -16.66 -16.58 -18.57
CA PHE A 323 -17.76 -15.66 -18.84
C PHE A 323 -17.77 -15.20 -20.29
N GLY A 324 -17.21 -16.00 -21.20
CA GLY A 324 -17.32 -15.76 -22.62
C GLY A 324 -16.22 -14.91 -23.23
N VAL A 325 -15.12 -14.67 -22.51
CA VAL A 325 -14.10 -13.78 -23.04
C VAL A 325 -13.54 -14.31 -24.35
N THR A 326 -13.23 -15.61 -24.41
CA THR A 326 -12.63 -16.15 -25.62
C THR A 326 -13.51 -15.87 -26.82
N GLU A 327 -14.81 -16.06 -26.67
CA GLU A 327 -15.70 -15.87 -27.81
C GLU A 327 -15.82 -14.39 -28.18
N PHE A 328 -15.78 -13.50 -27.18
CA PHE A 328 -15.81 -12.07 -27.49
C PHE A 328 -14.51 -11.64 -28.18
N CYS A 329 -13.36 -12.09 -27.68
CA CYS A 329 -12.09 -11.71 -28.32
C CYS A 329 -12.01 -12.25 -29.74
N GLU A 330 -12.66 -13.39 -30.00
CA GLU A 330 -12.64 -13.96 -31.35
C GLU A 330 -13.20 -12.99 -32.37
N THR A 331 -14.21 -12.20 -31.99
CA THR A 331 -14.85 -11.29 -32.93
C THR A 331 -14.55 -9.82 -32.70
N CYS A 332 -13.88 -9.46 -31.60
CA CYS A 332 -13.79 -8.03 -31.24
C CYS A 332 -12.63 -7.32 -31.95
N LYS A 333 -11.40 -7.69 -31.62
CA LYS A 333 -10.18 -7.16 -32.24
C LYS A 333 -9.95 -5.64 -32.04
N LYS A 334 -10.62 -4.97 -31.10
CA LYS A 334 -10.40 -3.54 -30.91
C LYS A 334 -8.97 -3.25 -30.48
N CYS A 335 -8.42 -4.06 -29.57
CA CYS A 335 -7.05 -3.83 -29.13
C CYS A 335 -6.07 -3.95 -30.29
N ALA A 336 -6.27 -4.96 -31.14
CA ALA A 336 -5.39 -5.18 -32.28
C ALA A 336 -5.47 -4.02 -33.26
N ARG A 337 -6.66 -3.46 -33.46
CA ARG A 337 -6.81 -2.38 -34.42
C ARG A 337 -6.25 -1.07 -33.89
N GLU A 338 -6.31 -0.84 -32.57
CA GLU A 338 -5.84 0.40 -31.98
C GLU A 338 -4.38 0.35 -31.54
N CYS A 339 -3.79 -0.84 -31.43
CA CYS A 339 -2.41 -0.97 -31.01
C CYS A 339 -1.48 -0.09 -31.87
N PRO A 340 -0.76 0.87 -31.27
CA PRO A 340 0.10 1.74 -32.09
C PRO A 340 1.29 1.02 -32.72
N SER A 341 1.61 -0.20 -32.31
CA SER A 341 2.75 -0.91 -32.89
C SER A 341 2.33 -2.12 -33.72
N LYS A 342 1.02 -2.37 -33.86
CA LYS A 342 0.51 -3.59 -34.51
C LYS A 342 1.12 -4.86 -33.91
N ALA A 343 1.31 -4.85 -32.59
CA ALA A 343 1.88 -5.99 -31.91
C ALA A 343 0.88 -7.13 -31.70
N ILE A 344 -0.43 -6.82 -31.66
CA ILE A 344 -1.45 -7.79 -31.30
C ILE A 344 -2.00 -8.44 -32.56
N THR A 345 -2.02 -9.76 -32.57
CA THR A 345 -2.50 -10.46 -33.76
C THR A 345 -4.00 -10.30 -33.93
N GLU A 346 -4.44 -10.26 -35.20
CA GLU A 346 -5.84 -10.33 -35.55
C GLU A 346 -6.29 -11.73 -35.93
N GLY A 347 -5.37 -12.70 -35.87
CA GLY A 347 -5.67 -14.05 -36.30
C GLY A 347 -6.13 -14.94 -35.17
N PRO A 348 -6.22 -16.23 -35.43
CA PRO A 348 -6.70 -17.19 -34.44
C PRO A 348 -5.60 -17.52 -33.43
N ARG A 349 -6.01 -18.17 -32.35
CA ARG A 349 -5.07 -18.73 -31.39
C ARG A 349 -4.33 -19.91 -32.02
N THR A 350 -3.06 -20.06 -31.65
CA THR A 350 -2.24 -21.21 -32.05
C THR A 350 -1.40 -21.66 -30.88
N PHE A 351 -0.72 -22.80 -31.06
CA PHE A 351 0.24 -23.30 -30.08
C PHE A 351 1.67 -22.87 -30.42
N GLU A 352 1.87 -22.09 -31.46
CA GLU A 352 3.21 -21.81 -31.98
C GLU A 352 3.59 -20.35 -31.70
N GLY A 353 4.65 -20.17 -30.93
CA GLY A 353 5.06 -18.83 -30.58
C GLY A 353 5.41 -17.98 -31.80
N ARG A 354 5.10 -16.70 -31.71
CA ARG A 354 5.46 -15.77 -32.77
C ARG A 354 6.96 -15.51 -32.79
N SER A 355 7.59 -15.51 -31.63
CA SER A 355 9.02 -15.25 -31.53
C SER A 355 9.50 -15.78 -30.19
N ILE A 356 10.79 -15.54 -29.91
CA ILE A 356 11.42 -16.01 -28.67
C ILE A 356 10.67 -15.55 -27.44
N HIS A 357 9.94 -14.42 -27.53
CA HIS A 357 9.31 -13.89 -26.32
C HIS A 357 8.07 -14.67 -25.90
N ASN A 358 7.50 -15.47 -26.78
CA ASN A 358 6.33 -16.29 -26.45
C ASN A 358 6.76 -17.68 -26.02
N GLN A 359 6.01 -18.26 -25.08
CA GLN A 359 6.19 -19.65 -24.69
C GLN A 359 5.30 -20.52 -25.59
N SER A 360 5.93 -21.35 -26.43
CA SER A 360 5.19 -22.25 -27.30
C SER A 360 4.60 -23.43 -26.52
N GLY A 361 3.60 -24.07 -27.14
CA GLY A 361 2.97 -25.23 -26.54
C GLY A 361 1.74 -24.96 -25.72
N LYS A 362 1.21 -23.75 -25.73
CA LYS A 362 -0.04 -23.47 -25.04
C LYS A 362 -0.91 -22.63 -25.96
N LEU A 363 -2.19 -22.94 -25.99
CA LEU A 363 -3.09 -22.29 -26.94
C LEU A 363 -3.41 -20.87 -26.48
N GLN A 364 -3.02 -19.89 -27.29
CA GLN A 364 -3.18 -18.49 -26.91
C GLN A 364 -3.11 -17.66 -28.17
N TRP A 365 -3.55 -16.42 -28.08
CA TRP A 365 -3.24 -15.48 -29.15
C TRP A 365 -1.78 -15.07 -29.03
N GLN A 366 -1.03 -15.22 -30.13
CA GLN A 366 0.42 -15.05 -30.13
C GLN A 366 0.75 -13.63 -30.62
N ASN A 367 1.29 -12.81 -29.73
CA ASN A 367 1.54 -11.41 -30.01
C ASN A 367 3.04 -11.15 -30.12
N ASP A 368 3.40 -10.10 -30.89
CA ASP A 368 4.81 -9.75 -31.09
C ASP A 368 5.21 -8.72 -30.04
N TYR A 369 5.84 -9.18 -28.97
CA TYR A 369 6.08 -8.29 -27.84
C TYR A 369 7.33 -7.44 -28.01
N ASN A 370 8.14 -7.74 -29.03
CA ASN A 370 9.21 -6.80 -29.38
C ASN A 370 8.63 -5.53 -30.01
N LYS A 371 7.59 -5.68 -30.83
CA LYS A 371 6.91 -4.51 -31.39
C LYS A 371 6.29 -3.66 -30.29
N CYS A 372 5.61 -4.30 -29.33
CA CYS A 372 5.06 -3.58 -28.19
C CYS A 372 6.13 -2.74 -27.50
N LEU A 373 7.22 -3.38 -27.06
CA LEU A 373 8.24 -2.67 -26.31
C LEU A 373 8.82 -1.54 -27.14
N GLY A 374 8.92 -1.73 -28.46
CA GLY A 374 9.46 -0.69 -29.31
C GLY A 374 8.68 0.62 -29.26
N TYR A 375 7.38 0.54 -28.95
CA TYR A 375 6.59 1.76 -28.86
C TYR A 375 6.81 2.51 -27.57
N TRP A 376 7.38 1.86 -26.55
CA TRP A 376 7.51 2.55 -25.26
C TRP A 376 8.54 3.68 -25.31
N PRO A 377 9.76 3.49 -25.84
CA PRO A 377 10.64 4.67 -26.01
C PRO A 377 10.05 5.71 -26.95
N GLU A 378 9.32 5.28 -27.98
CA GLU A 378 8.74 6.23 -28.91
C GLU A 378 7.73 7.12 -28.22
N SER A 379 6.93 6.56 -27.31
CA SER A 379 5.88 7.31 -26.66
C SER A 379 6.29 7.84 -25.30
N GLY A 380 7.44 7.40 -24.77
CA GLY A 380 7.89 7.84 -23.47
C GLY A 380 7.08 7.33 -22.29
N GLY A 381 6.45 6.18 -22.42
CA GLY A 381 5.63 5.63 -21.36
C GLY A 381 5.56 4.12 -21.43
N TYR A 382 4.46 3.57 -20.90
CA TYR A 382 4.24 2.13 -20.89
C TYR A 382 2.98 1.79 -21.68
N CYS A 383 2.63 2.68 -22.61
CA CYS A 383 1.47 2.56 -23.48
C CYS A 383 0.23 2.20 -22.66
N GLY A 384 -0.32 0.99 -22.86
CA GLY A 384 -1.58 0.61 -22.24
C GLY A 384 -2.81 0.88 -23.09
N VAL A 385 -2.64 1.28 -24.36
CA VAL A 385 -3.78 1.57 -25.22
C VAL A 385 -4.71 0.37 -25.32
N CYS A 386 -4.14 -0.84 -25.40
CA CYS A 386 -4.96 -2.07 -25.47
C CYS A 386 -5.87 -2.20 -24.25
N VAL A 387 -5.33 -1.99 -23.04
CA VAL A 387 -6.15 -2.02 -21.83
C VAL A 387 -7.23 -0.93 -21.89
N ALA A 388 -6.83 0.27 -22.32
CA ALA A 388 -7.72 1.42 -22.33
C ALA A 388 -8.91 1.21 -23.25
N VAL A 389 -8.70 0.60 -24.42
CA VAL A 389 -9.80 0.49 -25.39
C VAL A 389 -10.61 -0.79 -25.23
N CYS A 390 -10.14 -1.73 -24.42
CA CYS A 390 -10.86 -2.99 -24.27
C CYS A 390 -12.25 -2.73 -23.71
N PRO A 391 -13.32 -3.23 -24.34
CA PRO A 391 -14.66 -2.99 -23.76
C PRO A 391 -14.81 -3.47 -22.33
N PHE A 392 -14.09 -4.52 -21.94
CA PHE A 392 -14.20 -5.00 -20.57
C PHE A 392 -13.65 -4.02 -19.54
N THR A 393 -12.82 -3.05 -19.95
CA THR A 393 -12.32 -2.04 -19.03
C THR A 393 -13.39 -1.02 -18.66
N LYS A 394 -14.44 -0.87 -19.46
CA LYS A 394 -15.55 0.01 -19.10
C LYS A 394 -16.27 -0.50 -17.84
N GLY A 395 -16.69 0.42 -16.98
CA GLY A 395 -17.34 -0.04 -15.76
C GLY A 395 -18.77 -0.52 -15.94
N ASN A 396 -19.23 -0.55 -17.18
CA ASN A 396 -20.64 -0.48 -17.57
C ASN A 396 -21.16 -1.78 -18.18
N ILE A 397 -20.43 -2.88 -18.09
CA ILE A 397 -20.69 -3.92 -19.10
C ILE A 397 -21.74 -4.94 -18.67
N TRP A 398 -22.01 -5.09 -17.38
CA TRP A 398 -22.86 -6.19 -16.91
C TRP A 398 -24.31 -5.74 -16.83
N ILE A 399 -25.21 -6.55 -17.38
CA ILE A 399 -26.62 -6.31 -17.22
C ILE A 399 -27.30 -7.61 -16.82
N HIS A 400 -28.47 -7.48 -16.21
CA HIS A 400 -29.24 -8.64 -15.78
C HIS A 400 -30.53 -8.63 -16.56
N ASP A 401 -30.91 -9.79 -17.13
CA ASP A 401 -32.09 -9.84 -18.00
C ASP A 401 -33.33 -10.34 -17.28
N GLY A 402 -33.33 -10.36 -15.94
CA GLY A 402 -34.41 -10.95 -15.18
C GLY A 402 -34.19 -12.39 -14.77
N VAL A 403 -33.34 -13.11 -15.51
CA VAL A 403 -32.99 -14.49 -15.18
C VAL A 403 -31.53 -14.60 -14.78
N GLU A 404 -30.64 -13.94 -15.52
CA GLU A 404 -29.21 -14.13 -15.30
C GLU A 404 -28.43 -12.92 -15.79
N TRP A 405 -27.14 -12.90 -15.45
CA TRP A 405 -26.22 -11.85 -15.87
C TRP A 405 -25.70 -12.12 -17.28
N LEU A 406 -25.43 -11.04 -18.01
CA LEU A 406 -24.86 -11.14 -19.34
C LEU A 406 -24.05 -9.88 -19.65
N ILE A 407 -23.24 -9.99 -20.70
N ILE A 407 -23.22 -10.00 -20.69
CA ILE A 407 -22.44 -8.87 -21.20
CA ILE A 407 -22.44 -8.88 -21.21
C ILE A 407 -23.26 -8.08 -22.22
C ILE A 407 -23.31 -8.09 -22.18
N ASP A 408 -23.29 -6.76 -22.05
CA ASP A 408 -23.98 -5.88 -23.00
C ASP A 408 -23.21 -5.78 -24.32
N ASN A 409 -23.72 -6.40 -25.39
CA ASN A 409 -23.01 -6.38 -26.66
C ASN A 409 -22.86 -4.98 -27.24
N THR A 410 -23.63 -3.99 -26.76
CA THR A 410 -23.55 -2.69 -27.41
C THR A 410 -22.18 -2.07 -27.21
N ARG A 411 -21.46 -2.48 -26.17
CA ARG A 411 -20.10 -2.05 -25.84
C ARG A 411 -19.06 -2.45 -26.84
N PHE A 412 -19.34 -3.44 -27.65
CA PHE A 412 -18.38 -3.95 -28.58
C PHE A 412 -18.60 -3.40 -29.98
N LEU A 413 -19.57 -2.51 -30.16
CA LEU A 413 -19.84 -1.92 -31.46
C LEU A 413 -18.73 -0.99 -31.92
N ASN A 431 -9.20 14.70 -21.41
CA ASN A 431 -7.85 15.21 -21.39
C ASN A 431 -7.24 15.07 -19.99
N ILE A 432 -5.92 15.22 -19.93
CA ILE A 432 -5.22 15.01 -18.66
C ILE A 432 -5.50 16.12 -17.66
N THR A 433 -5.71 17.36 -18.12
CA THR A 433 -6.12 18.40 -17.16
C THR A 433 -7.40 18.00 -16.43
N GLU A 434 -8.37 17.46 -17.16
CA GLU A 434 -9.63 17.06 -16.54
C GLU A 434 -9.44 15.89 -15.57
N VAL A 435 -8.43 15.05 -15.81
CA VAL A 435 -8.11 14.00 -14.85
C VAL A 435 -7.56 14.61 -13.57
N TRP A 436 -6.57 15.51 -13.70
CA TRP A 436 -6.03 16.16 -12.51
C TRP A 436 -7.08 16.94 -11.76
N ASP A 437 -8.07 17.49 -12.47
CA ASP A 437 -9.11 18.28 -11.81
C ASP A 437 -10.32 17.44 -11.43
N GLY A 438 -10.33 16.14 -11.73
CA GLY A 438 -11.52 15.36 -11.66
C GLY A 438 -11.58 14.42 -10.48
N LYS A 439 -12.42 13.39 -10.62
CA LYS A 439 -12.70 12.45 -9.53
C LYS A 439 -11.47 11.64 -9.14
N ILE A 440 -11.26 11.50 -7.82
CA ILE A 440 -10.25 10.58 -7.30
C ILE A 440 -10.69 10.17 -5.92
N ASN A 441 -10.12 9.07 -5.43
CA ASN A 441 -10.43 8.55 -4.11
C ASN A 441 -9.23 7.71 -3.69
N THR A 442 -9.31 7.13 -2.50
CA THR A 442 -8.14 6.51 -1.90
C THR A 442 -7.59 5.40 -2.79
N TYR A 443 -6.28 5.45 -3.05
CA TYR A 443 -5.56 4.49 -3.92
C TYR A 443 -6.07 4.52 -5.35
N GLY A 444 -6.80 5.58 -5.73
CA GLY A 444 -7.39 5.61 -7.05
C GLY A 444 -8.58 4.69 -7.23
N LEU A 445 -9.06 4.07 -6.15
CA LEU A 445 -10.25 3.25 -6.25
C LEU A 445 -11.48 4.13 -6.47
N ASP A 446 -12.56 3.53 -7.00
CA ASP A 446 -13.74 4.29 -7.41
C ASP A 446 -14.92 3.83 -6.55
N ALA A 447 -15.46 4.74 -5.74
CA ALA A 447 -16.57 4.36 -4.87
C ALA A 447 -17.83 3.96 -5.65
N ASP A 448 -17.95 4.33 -6.93
CA ASP A 448 -19.10 3.90 -7.72
C ASP A 448 -19.09 2.40 -8.01
N HIS A 449 -17.96 1.73 -7.84
CA HIS A 449 -17.81 0.31 -8.14
C HIS A 449 -17.21 -0.49 -7.00
N PHE A 450 -16.76 0.16 -5.91
CA PHE A 450 -16.01 -0.52 -4.86
C PHE A 450 -16.87 -1.59 -4.16
N ARG A 451 -18.20 -1.45 -4.16
CA ARG A 451 -19.00 -2.55 -3.60
C ARG A 451 -18.80 -3.86 -4.35
N ASP A 452 -18.35 -3.80 -5.60
CA ASP A 452 -18.15 -5.02 -6.37
C ASP A 452 -17.14 -5.96 -5.71
N THR A 453 -16.23 -5.44 -4.87
CA THR A 453 -15.21 -6.30 -4.28
C THR A 453 -15.45 -6.51 -2.78
N VAL A 454 -16.66 -6.22 -2.28
CA VAL A 454 -16.94 -6.60 -0.90
C VAL A 454 -16.88 -8.12 -0.78
N SER A 455 -16.46 -8.60 0.39
CA SER A 455 -16.28 -10.03 0.58
C SER A 455 -16.78 -10.48 1.96
N PHE A 456 -17.52 -11.59 1.95
CA PHE A 456 -17.94 -12.32 3.13
C PHE A 456 -17.39 -13.74 3.06
N ARG A 457 -17.47 -14.49 4.17
CA ARG A 457 -16.87 -15.83 4.18
C ARG A 457 -17.39 -16.67 3.01
N LYS A 458 -18.69 -16.54 2.68
CA LYS A 458 -19.26 -17.43 1.67
C LYS A 458 -18.60 -17.27 0.30
N ASP A 459 -18.07 -16.09 -0.01
CA ASP A 459 -17.37 -15.95 -1.26
C ASP A 459 -15.86 -16.14 -1.12
N ARG A 460 -15.34 -16.31 0.10
CA ARG A 460 -13.94 -16.65 0.27
C ARG A 460 -13.70 -18.15 0.23
N VAL A 461 -14.61 -18.95 0.76
CA VAL A 461 -14.40 -20.39 0.74
C VAL A 461 -15.76 -21.06 0.76
N LYS A 462 -15.89 -22.17 0.05
CA LYS A 462 -17.18 -22.86 0.03
C LYS A 462 -17.06 -24.20 0.74
N ALA B 7 -19.97 14.43 1.84
CA ALA B 7 -19.08 14.83 2.93
C ALA B 7 -18.44 16.19 2.65
N ALA B 8 -18.30 16.53 1.36
CA ALA B 8 -17.81 17.85 1.00
C ALA B 8 -18.81 18.93 1.37
N GLU B 9 -20.09 18.57 1.39
CA GLU B 9 -21.14 19.44 1.91
C GLU B 9 -20.83 19.87 3.35
N ILE B 10 -20.60 18.88 4.22
CA ILE B 10 -20.51 19.13 5.66
C ILE B 10 -19.26 19.93 5.97
N ARG B 11 -18.15 19.59 5.31
CA ARG B 11 -16.86 20.15 5.69
C ARG B 11 -16.80 21.65 5.44
N GLN B 12 -17.40 22.15 4.37
CA GLN B 12 -17.41 23.60 4.20
C GLN B 12 -18.52 24.26 4.98
N GLN B 13 -19.60 23.53 5.29
CA GLN B 13 -20.59 24.06 6.22
C GLN B 13 -19.96 24.39 7.57
N PHE B 14 -18.95 23.62 7.99
CA PHE B 14 -18.38 23.79 9.31
C PHE B 14 -16.99 24.44 9.27
N ALA B 15 -16.56 24.96 8.13
CA ALA B 15 -15.31 25.69 8.06
C ALA B 15 -15.32 26.88 9.03
N MET B 16 -14.24 27.01 9.79
CA MET B 16 -13.98 28.21 10.60
C MET B 16 -13.22 29.24 9.75
N THR B 17 -13.15 30.46 10.25
CA THR B 17 -12.23 31.42 9.67
C THR B 17 -10.79 30.98 9.96
N ALA B 18 -9.85 31.59 9.24
CA ALA B 18 -8.45 31.19 9.39
C ALA B 18 -7.95 31.44 10.81
N GLY B 19 -6.94 30.67 11.20
CA GLY B 19 -6.28 30.83 12.51
C GLY B 19 -6.32 29.56 13.33
N SER B 20 -5.18 29.23 13.94
CA SER B 20 -5.09 28.00 14.73
C SER B 20 -6.15 28.01 15.83
N PRO B 21 -6.96 26.97 15.95
CA PRO B 21 -7.96 26.92 17.02
C PRO B 21 -7.43 26.41 18.35
N ILE B 22 -6.16 26.02 18.44
CA ILE B 22 -5.60 25.56 19.70
C ILE B 22 -5.25 26.78 20.54
N ILE B 23 -5.86 26.86 21.72
CA ILE B 23 -5.63 27.97 22.64
C ILE B 23 -4.40 27.68 23.48
N VAL B 24 -3.45 28.61 23.50
CA VAL B 24 -2.18 28.46 24.20
C VAL B 24 -2.02 29.63 25.17
N ASN B 25 -1.07 29.48 26.10
CA ASN B 25 -0.66 30.59 26.96
C ASN B 25 0.84 30.82 26.80
N ASP B 26 1.39 31.73 27.60
CA ASP B 26 2.79 32.09 27.47
C ASP B 26 3.72 31.11 28.17
N LYS B 27 3.19 30.05 28.78
CA LYS B 27 4.02 29.01 29.36
C LYS B 27 4.40 27.91 28.37
N LEU B 28 3.74 27.86 27.22
CA LEU B 28 3.94 26.78 26.26
C LEU B 28 5.40 26.71 25.79
N GLU B 29 5.97 25.50 25.81
CA GLU B 29 7.29 25.25 25.26
C GLU B 29 7.23 24.00 24.40
N ARG B 30 8.14 23.91 23.43
CA ARG B 30 8.21 22.70 22.62
C ARG B 30 8.56 21.51 23.52
N TYR B 31 8.12 20.34 23.09
CA TYR B 31 8.05 19.15 23.92
C TYR B 31 9.10 18.16 23.42
N ALA B 32 9.94 17.65 24.33
CA ALA B 32 10.94 16.64 23.96
C ALA B 32 10.28 15.28 23.77
N GLU B 33 10.53 14.64 22.62
CA GLU B 33 9.85 13.40 22.27
C GLU B 33 10.08 12.30 23.32
N VAL B 34 11.24 12.30 23.98
CA VAL B 34 11.53 11.26 24.97
C VAL B 34 10.51 11.24 26.10
N ARG B 35 9.77 12.34 26.29
CA ARG B 35 8.76 12.40 27.33
C ARG B 35 7.53 11.53 27.07
N THR B 36 7.33 11.03 25.84
CA THR B 36 6.14 10.19 25.63
C THR B 36 6.22 8.94 26.49
N ALA B 37 5.06 8.35 26.79
CA ALA B 37 5.05 7.17 27.64
C ALA B 37 5.78 5.99 26.99
N PHE B 38 5.78 5.93 25.66
CA PHE B 38 6.47 4.86 24.96
C PHE B 38 7.97 4.85 25.24
N THR B 39 8.54 6.02 25.49
CA THR B 39 9.99 6.19 25.51
C THR B 39 10.56 6.59 26.85
N HIS B 40 9.78 7.24 27.71
CA HIS B 40 10.36 7.83 28.90
C HIS B 40 10.78 6.75 29.90
N PRO B 41 11.90 6.93 30.61
CA PRO B 41 12.35 5.88 31.52
C PRO B 41 11.38 5.58 32.66
N THR B 42 10.55 6.55 33.07
CA THR B 42 9.60 6.30 34.15
C THR B 42 8.44 5.40 33.73
N SER B 43 8.18 5.24 32.43
CA SER B 43 7.02 4.49 31.95
C SER B 43 7.39 3.34 31.03
N PHE B 44 8.64 3.26 30.58
CA PHE B 44 9.05 2.29 29.57
C PHE B 44 8.99 0.86 30.08
N PHE B 45 9.32 0.64 31.36
CA PHE B 45 9.37 -0.71 31.91
C PHE B 45 8.05 -1.07 32.61
N LYS B 46 7.54 -2.26 32.34
CA LYS B 46 6.31 -2.77 32.93
C LYS B 46 6.45 -4.25 33.25
N PRO B 47 5.79 -4.73 34.29
CA PRO B 47 5.83 -6.16 34.60
C PRO B 47 5.00 -6.96 33.60
N ASN B 48 5.43 -8.20 33.37
CA ASN B 48 4.60 -9.13 32.60
C ASN B 48 3.69 -9.87 33.59
N TYR B 49 2.92 -10.85 33.10
CA TYR B 49 1.98 -11.55 33.96
C TYR B 49 2.65 -12.44 34.99
N LYS B 50 3.94 -12.72 34.80
CA LYS B 50 4.73 -13.52 35.74
C LYS B 50 5.42 -12.66 36.80
N GLY B 51 5.29 -11.34 36.73
CA GLY B 51 6.00 -10.46 37.63
C GLY B 51 7.38 -10.03 37.18
N GLU B 52 7.78 -10.35 35.95
CA GLU B 52 9.10 -9.98 35.45
C GLU B 52 9.01 -8.60 34.80
N VAL B 53 9.90 -7.68 35.19
CA VAL B 53 9.87 -6.33 34.63
C VAL B 53 10.70 -6.28 33.35
N LYS B 54 10.11 -5.76 32.29
CA LYS B 54 10.73 -5.74 30.96
C LYS B 54 10.29 -4.47 30.25
N PRO B 55 10.98 -4.10 29.14
CA PRO B 55 10.37 -3.13 28.21
C PRO B 55 8.91 -3.47 27.97
N TRP B 56 8.05 -2.45 27.98
CA TRP B 56 6.61 -2.70 27.98
C TRP B 56 6.19 -3.60 26.81
N PHE B 57 6.80 -3.43 25.64
CA PHE B 57 6.34 -4.24 24.51
C PHE B 57 6.78 -5.70 24.65
N LEU B 58 7.88 -5.96 25.35
CA LEU B 58 8.27 -7.35 25.60
C LEU B 58 7.33 -8.01 26.61
N SER B 59 6.90 -7.26 27.63
CA SER B 59 5.92 -7.81 28.55
C SER B 59 4.59 -8.07 27.85
N ALA B 60 4.23 -7.19 26.91
CA ALA B 60 3.01 -7.44 26.13
C ALA B 60 3.17 -8.67 25.24
N TYR B 61 4.35 -8.86 24.64
CA TYR B 61 4.61 -10.08 23.89
C TYR B 61 4.34 -11.33 24.73
N ASP B 62 4.80 -11.32 25.99
CA ASP B 62 4.59 -12.47 26.85
C ASP B 62 3.10 -12.77 27.01
N GLU B 63 2.27 -11.73 27.08
CA GLU B 63 0.84 -11.91 27.22
C GLU B 63 0.23 -12.44 25.92
N LYS B 64 0.74 -12.02 24.76
CA LYS B 64 0.23 -12.55 23.50
C LYS B 64 0.49 -14.05 23.42
N VAL B 65 1.70 -14.48 23.80
CA VAL B 65 2.04 -15.90 23.80
C VAL B 65 1.11 -16.67 24.74
N ARG B 66 0.96 -16.15 25.96
CA ARG B 66 0.09 -16.81 26.94
C ARG B 66 -1.33 -16.93 26.39
N GLN B 67 -1.80 -15.89 25.68
CA GLN B 67 -3.16 -15.95 25.15
C GLN B 67 -3.30 -16.98 24.06
N ILE B 68 -2.32 -17.06 23.15
CA ILE B 68 -2.39 -18.06 22.09
C ILE B 68 -2.42 -19.46 22.69
N GLU B 69 -1.52 -19.70 23.65
CA GLU B 69 -1.48 -21.00 24.34
C GLU B 69 -2.81 -21.32 24.99
N ASN B 70 -3.48 -20.31 25.54
CA ASN B 70 -4.75 -20.51 26.23
C ASN B 70 -5.96 -20.31 25.33
N GLY B 71 -5.75 -20.20 24.02
CA GLY B 71 -6.85 -20.05 23.09
C GLY B 71 -7.69 -18.82 23.34
N GLU B 72 -7.05 -17.67 23.52
CA GLU B 72 -7.72 -16.41 23.80
C GLU B 72 -7.34 -15.36 22.76
N ASN B 73 -8.30 -14.49 22.43
CA ASN B 73 -8.08 -13.34 21.53
C ASN B 73 -7.80 -12.05 22.27
N GLY B 74 -7.84 -12.07 23.59
CA GLY B 74 -7.66 -10.87 24.37
C GLY B 74 -7.79 -11.26 25.83
N PRO B 75 -7.75 -10.28 26.73
CA PRO B 75 -7.73 -10.59 28.17
C PRO B 75 -9.08 -11.16 28.59
N LYS B 76 -9.06 -12.38 29.10
CA LYS B 76 -10.29 -13.08 29.49
C LYS B 76 -11.27 -13.15 28.31
N MET B 77 -10.76 -13.22 27.09
CA MET B 77 -11.64 -13.35 25.94
C MET B 77 -11.28 -14.64 25.21
N LYS B 78 -12.07 -15.68 25.43
CA LYS B 78 -11.81 -16.96 24.79
C LYS B 78 -12.02 -16.83 23.27
N ALA B 79 -11.07 -17.34 22.50
CA ALA B 79 -11.23 -17.46 21.07
C ALA B 79 -12.04 -18.71 20.74
N LYS B 80 -12.40 -18.83 19.47
CA LYS B 80 -13.08 -20.06 19.04
C LYS B 80 -12.20 -21.27 19.28
N ASN B 81 -10.89 -21.14 19.12
CA ASN B 81 -9.91 -22.19 19.36
C ASN B 81 -8.53 -21.55 19.31
N VAL B 82 -7.50 -22.36 19.56
CA VAL B 82 -6.13 -21.85 19.51
C VAL B 82 -5.80 -21.34 18.10
N GLY B 83 -6.30 -22.02 17.08
CA GLY B 83 -6.02 -21.58 15.72
C GLY B 83 -6.48 -20.16 15.44
N GLU B 84 -7.68 -19.82 15.93
CA GLU B 84 -8.16 -18.46 15.75
C GLU B 84 -7.30 -17.46 16.52
N ALA B 85 -6.93 -17.81 17.76
CA ALA B 85 -6.05 -16.94 18.55
C ALA B 85 -4.75 -16.66 17.80
N ARG B 86 -4.13 -17.72 17.26
CA ARG B 86 -2.88 -17.59 16.49
C ARG B 86 -3.06 -16.68 15.28
N ALA B 87 -4.17 -16.85 14.56
CA ALA B 87 -4.37 -16.09 13.32
C ALA B 87 -4.48 -14.59 13.59
N GLY B 88 -5.14 -14.21 14.68
CA GLY B 88 -5.26 -12.80 15.00
C GLY B 88 -3.92 -12.16 15.29
N ARG B 89 -3.04 -12.87 16.01
CA ARG B 89 -1.72 -12.33 16.30
C ARG B 89 -0.81 -12.37 15.08
N ALA B 90 -0.98 -13.39 14.21
CA ALA B 90 -0.23 -13.42 12.97
C ALA B 90 -0.63 -12.24 12.06
N LEU B 91 -1.92 -11.91 12.01
CA LEU B 91 -2.35 -10.77 11.21
C LEU B 91 -1.80 -9.46 11.79
N GLU B 92 -1.87 -9.31 13.12
CA GLU B 92 -1.30 -8.15 13.79
C GLU B 92 0.19 -7.98 13.47
N ALA B 93 0.97 -9.04 13.68
CA ALA B 93 2.41 -8.94 13.49
C ALA B 93 2.75 -8.60 12.04
N ALA B 94 2.04 -9.22 11.09
CA ALA B 94 2.27 -8.94 9.68
C ALA B 94 1.96 -7.50 9.31
N GLY B 95 0.96 -6.89 9.95
CA GLY B 95 0.54 -5.55 9.55
C GLY B 95 1.66 -4.53 9.69
N TRP B 96 2.54 -4.74 10.66
CA TRP B 96 3.69 -3.86 10.95
C TRP B 96 4.86 -3.99 9.98
N THR B 97 4.72 -4.73 8.86
CA THR B 97 5.88 -5.06 8.03
C THR B 97 6.69 -3.83 7.60
N LEU B 98 6.02 -2.72 7.25
CA LEU B 98 6.71 -1.53 6.74
C LEU B 98 6.85 -0.45 7.82
N ASP B 99 7.06 -0.85 9.07
CA ASP B 99 7.17 0.09 10.18
C ASP B 99 8.33 -0.32 11.06
N ILE B 100 9.15 0.65 11.48
CA ILE B 100 10.32 0.36 12.31
C ILE B 100 10.00 0.64 13.78
N ASN B 101 10.16 -0.38 14.64
CA ASN B 101 10.12 -0.24 16.10
C ASN B 101 8.91 0.55 16.59
N TYR B 102 7.74 0.23 16.02
CA TYR B 102 6.44 0.74 16.47
C TYR B 102 6.36 2.26 16.30
N GLY B 103 6.38 2.68 15.03
CA GLY B 103 5.98 4.04 14.73
C GLY B 103 6.87 4.85 13.81
N ASN B 104 8.02 4.29 13.40
CA ASN B 104 8.92 4.99 12.47
C ASN B 104 9.38 6.35 13.00
N ILE B 105 9.63 6.43 14.31
CA ILE B 105 9.86 7.77 14.87
C ILE B 105 11.27 8.30 14.62
N TYR B 106 12.28 7.45 14.38
CA TYR B 106 13.65 8.01 14.21
C TYR B 106 13.70 8.81 12.91
N PRO B 107 13.97 10.12 12.96
CA PRO B 107 13.99 10.90 11.72
C PRO B 107 15.23 10.61 10.90
N ASN B 108 15.07 10.60 9.58
CA ASN B 108 16.19 10.43 8.65
C ASN B 108 16.89 9.08 8.85
N ARG B 109 16.12 8.05 9.21
CA ARG B 109 16.59 6.68 9.30
C ARG B 109 15.59 5.76 8.60
N PHE B 110 16.10 4.63 8.09
CA PHE B 110 15.28 3.57 7.51
C PHE B 110 14.34 4.12 6.45
N PHE B 111 13.01 4.08 6.69
CA PHE B 111 12.08 4.57 5.68
C PHE B 111 11.89 6.10 5.71
N MET B 112 12.31 6.77 6.79
CA MET B 112 12.01 8.17 7.02
C MET B 112 13.14 9.09 6.57
N LEU B 113 13.71 8.84 5.39
CA LEU B 113 14.85 9.65 4.95
C LEU B 113 14.41 11.06 4.58
N TRP B 114 15.21 12.04 4.99
CA TRP B 114 14.90 13.44 4.74
C TRP B 114 15.34 13.92 3.36
N SER B 115 16.15 13.13 2.65
CA SER B 115 16.49 13.35 1.25
C SER B 115 16.17 12.09 0.47
N GLY B 116 15.77 12.25 -0.79
CA GLY B 116 15.55 11.07 -1.61
C GLY B 116 16.77 10.53 -2.30
N GLU B 117 17.92 11.19 -2.14
CA GLU B 117 19.07 10.96 -3.02
C GLU B 117 19.56 9.51 -3.01
N THR B 118 19.53 8.81 -1.88
CA THR B 118 20.05 7.44 -1.82
C THR B 118 19.00 6.38 -2.09
N MET B 119 17.74 6.76 -2.27
CA MET B 119 16.68 5.77 -2.44
C MET B 119 16.83 5.05 -3.78
N THR B 120 16.46 3.75 -3.80
CA THR B 120 16.60 2.98 -5.03
C THR B 120 15.76 3.58 -6.16
N ASN B 121 14.57 4.09 -5.82
CA ASN B 121 13.71 4.69 -6.85
C ASN B 121 14.33 5.95 -7.42
N THR B 122 14.89 6.81 -6.57
CA THR B 122 15.55 8.03 -7.05
C THR B 122 16.74 7.68 -7.95
N GLN B 123 17.52 6.68 -7.57
CA GLN B 123 18.67 6.29 -8.37
C GLN B 123 18.26 5.81 -9.75
N LEU B 124 17.21 4.99 -9.81
CA LEU B 124 16.73 4.45 -11.07
C LEU B 124 16.27 5.57 -12.01
N TRP B 125 15.64 6.60 -11.45
CA TRP B 125 15.07 7.72 -12.19
C TRP B 125 16.06 8.86 -12.41
N ALA B 126 17.27 8.73 -11.91
CA ALA B 126 18.22 9.84 -11.96
C ALA B 126 18.45 10.43 -13.35
N PRO B 127 18.52 9.65 -14.45
CA PRO B 127 18.72 10.28 -15.77
C PRO B 127 17.64 11.28 -16.13
N VAL B 128 16.43 11.15 -15.59
CA VAL B 128 15.39 12.12 -15.93
C VAL B 128 15.62 13.45 -15.21
N GLY B 129 16.25 13.42 -14.05
CA GLY B 129 16.60 14.64 -13.33
C GLY B 129 15.45 15.38 -12.69
N LEU B 130 14.35 14.70 -12.37
CA LEU B 130 13.19 15.39 -11.81
C LEU B 130 13.51 15.99 -10.44
N ASP B 131 14.33 15.32 -9.63
CA ASP B 131 14.64 15.86 -8.32
C ASP B 131 15.69 16.96 -8.37
N ARG B 132 16.34 17.18 -9.51
CA ARG B 132 17.34 18.25 -9.62
C ARG B 132 16.85 19.44 -10.42
N ARG B 133 15.79 19.26 -11.17
CA ARG B 133 15.19 20.30 -12.01
C ARG B 133 14.43 21.30 -11.15
N PRO B 134 14.63 22.60 -11.32
CA PRO B 134 13.84 23.59 -10.57
C PRO B 134 12.36 23.37 -10.79
N PRO B 135 11.50 23.81 -9.87
CA PRO B 135 10.06 23.63 -10.05
C PRO B 135 9.57 24.28 -11.34
N ASP B 136 8.65 23.61 -12.02
CA ASP B 136 7.97 24.24 -13.14
C ASP B 136 6.67 24.91 -12.73
N THR B 137 6.24 24.70 -11.49
CA THR B 137 4.98 25.24 -10.98
C THR B 137 5.28 25.82 -9.60
N THR B 138 4.96 27.10 -9.42
CA THR B 138 5.11 27.75 -8.12
C THR B 138 3.80 28.31 -7.59
N ASP B 139 2.74 28.23 -8.37
CA ASP B 139 1.39 28.65 -8.02
C ASP B 139 0.84 27.77 -6.90
N PRO B 140 0.61 28.29 -5.70
CA PRO B 140 0.11 27.44 -4.60
C PRO B 140 -1.24 26.81 -4.87
N VAL B 141 -2.07 27.42 -5.73
CA VAL B 141 -3.37 26.83 -6.02
C VAL B 141 -3.20 25.54 -6.82
N GLU B 142 -2.41 25.59 -7.89
CA GLU B 142 -2.21 24.38 -8.70
C GLU B 142 -1.44 23.33 -7.91
N LEU B 143 -0.47 23.76 -7.10
CA LEU B 143 0.32 22.81 -6.32
C LEU B 143 -0.54 22.09 -5.31
N THR B 144 -1.46 22.83 -4.67
CA THR B 144 -2.35 22.21 -3.70
C THR B 144 -3.22 21.16 -4.38
N ASN B 145 -3.73 21.45 -5.58
CA ASN B 145 -4.52 20.46 -6.29
C ASN B 145 -3.68 19.24 -6.66
N TYR B 146 -2.47 19.47 -7.19
CA TYR B 146 -1.58 18.36 -7.57
C TYR B 146 -1.23 17.49 -6.37
N VAL B 147 -0.80 18.11 -5.27
CA VAL B 147 -0.28 17.30 -4.16
C VAL B 147 -1.41 16.57 -3.45
N LYS B 148 -2.63 17.15 -3.43
CA LYS B 148 -3.75 16.44 -2.81
C LYS B 148 -4.17 15.25 -3.68
N PHE B 149 -4.18 15.40 -5.02
CA PHE B 149 -4.43 14.26 -5.88
C PHE B 149 -3.41 13.16 -5.62
N ALA B 150 -2.12 13.53 -5.59
CA ALA B 150 -1.07 12.55 -5.29
C ALA B 150 -1.30 11.90 -3.93
N ALA B 151 -1.75 12.68 -2.95
CA ALA B 151 -1.94 12.14 -1.60
C ALA B 151 -3.02 11.06 -1.61
N ARG B 152 -4.08 11.26 -2.40
CA ARG B 152 -5.11 10.22 -2.49
C ARG B 152 -4.57 8.98 -3.19
N MET B 153 -3.77 9.18 -4.26
CA MET B 153 -3.14 8.03 -4.90
C MET B 153 -2.27 7.26 -3.90
N ALA B 154 -1.62 8.00 -3.00
CA ALA B 154 -0.70 7.44 -2.03
C ALA B 154 -1.40 6.85 -0.79
N GLY B 155 -2.72 6.81 -0.76
CA GLY B 155 -3.43 6.06 0.26
C GLY B 155 -4.07 6.87 1.37
N ALA B 156 -4.02 8.20 1.31
CA ALA B 156 -4.75 9.02 2.27
C ALA B 156 -6.24 8.94 2.00
N ASP B 157 -7.03 8.74 3.06
CA ASP B 157 -8.47 8.88 2.99
C ASP B 157 -8.90 10.32 3.25
N LEU B 158 -8.10 11.07 3.99
CA LEU B 158 -8.28 12.51 4.20
C LEU B 158 -6.95 13.19 3.97
N VAL B 159 -6.96 14.42 3.48
CA VAL B 159 -5.73 15.19 3.37
C VAL B 159 -6.02 16.67 3.63
N GLY B 160 -5.13 17.32 4.39
CA GLY B 160 -5.26 18.74 4.63
C GLY B 160 -3.89 19.39 4.70
N VAL B 161 -3.88 20.71 4.58
CA VAL B 161 -2.67 21.52 4.58
C VAL B 161 -2.80 22.59 5.65
N ALA B 162 -1.70 22.81 6.40
CA ALA B 162 -1.61 23.93 7.33
C ALA B 162 -0.24 24.58 7.19
N ARG B 163 -0.16 25.86 7.58
CA ARG B 163 1.16 26.39 7.88
C ARG B 163 1.76 25.62 9.05
N LEU B 164 3.08 25.46 9.03
CA LEU B 164 3.75 24.69 10.06
C LEU B 164 3.84 25.51 11.33
N ASN B 165 3.19 25.03 12.39
CA ASN B 165 3.33 25.62 13.72
C ASN B 165 4.45 24.90 14.46
N ARG B 166 5.55 25.60 14.71
CA ARG B 166 6.70 24.97 15.35
C ARG B 166 6.43 24.56 16.79
N ASN B 167 5.36 25.08 17.42
CA ASN B 167 5.01 24.66 18.78
C ASN B 167 4.79 23.15 18.88
N TRP B 168 4.39 22.50 17.79
CA TRP B 168 4.08 21.09 17.84
C TRP B 168 5.22 20.22 17.33
N VAL B 169 6.31 20.83 16.86
CA VAL B 169 7.49 20.07 16.48
C VAL B 169 8.26 19.73 17.75
N TYR B 170 8.67 18.47 17.88
CA TYR B 170 9.40 18.06 19.08
C TYR B 170 10.66 18.89 19.21
N SER B 171 10.98 19.29 20.45
CA SER B 171 12.21 20.04 20.65
C SER B 171 13.43 19.18 20.37
N GLU B 172 13.35 17.91 20.75
CA GLU B 172 14.39 16.93 20.50
C GLU B 172 13.71 15.63 20.10
N ALA B 173 14.29 14.95 19.12
CA ALA B 173 13.76 13.68 18.64
C ALA B 173 14.43 12.52 19.35
N VAL B 174 13.74 11.38 19.38
CA VAL B 174 14.37 10.10 19.70
C VAL B 174 14.84 9.46 18.39
N THR B 175 16.12 9.08 18.35
CA THR B 175 16.69 8.50 17.13
C THR B 175 17.79 7.53 17.51
N ILE B 176 18.60 7.12 16.54
CA ILE B 176 19.77 6.29 16.76
C ILE B 176 20.92 6.87 15.97
N PRO B 177 22.16 6.55 16.33
CA PRO B 177 23.28 6.98 15.48
C PRO B 177 23.15 6.39 14.08
N ALA B 178 23.65 7.13 13.09
CA ALA B 178 23.37 6.80 11.69
C ALA B 178 23.95 5.44 11.28
N ASP B 179 25.06 5.02 11.89
CA ASP B 179 25.69 3.77 11.51
C ASP B 179 25.32 2.60 12.40
N VAL B 180 24.42 2.79 13.36
CA VAL B 180 24.01 1.67 14.21
C VAL B 180 23.10 0.75 13.41
N PRO B 181 23.38 -0.55 13.37
CA PRO B 181 22.53 -1.47 12.61
C PRO B 181 21.21 -1.71 13.34
N TYR B 182 20.20 -2.11 12.55
CA TYR B 182 18.87 -2.30 13.10
C TYR B 182 18.88 -3.16 14.36
N GLU B 183 19.66 -4.25 14.36
CA GLU B 183 19.62 -5.19 15.49
C GLU B 183 20.08 -4.56 16.82
N GLN B 184 20.77 -3.42 16.79
CA GLN B 184 21.15 -2.73 18.01
C GLN B 184 20.32 -1.46 18.25
N SER B 185 19.30 -1.20 17.42
CA SER B 185 18.62 0.09 17.47
C SER B 185 17.95 0.32 18.83
N LEU B 186 17.19 -0.66 19.30
CA LEU B 186 16.42 -0.47 20.53
C LEU B 186 17.32 -0.16 21.72
N HIS B 187 18.56 -0.66 21.72
CA HIS B 187 19.47 -0.45 22.83
C HIS B 187 20.36 0.79 22.67
N LYS B 188 20.28 1.49 21.53
CA LYS B 188 21.16 2.63 21.29
C LYS B 188 20.36 3.88 20.89
N GLU B 189 19.15 4.00 21.42
CA GLU B 189 18.37 5.20 21.16
C GLU B 189 18.96 6.40 21.90
N ILE B 190 18.96 7.55 21.22
CA ILE B 190 19.51 8.79 21.73
C ILE B 190 18.51 9.92 21.48
N GLU B 191 18.74 11.05 22.16
N GLU B 191 18.80 11.08 22.09
CA GLU B 191 18.00 12.27 21.90
CA GLU B 191 18.00 12.29 21.95
C GLU B 191 18.82 13.13 20.95
C GLU B 191 18.78 13.29 21.10
N LYS B 192 18.10 13.93 20.14
CA LYS B 192 18.77 14.81 19.20
C LYS B 192 17.91 16.03 18.91
N PRO B 193 18.46 17.23 19.03
CA PRO B 193 17.66 18.44 18.82
C PRO B 193 17.19 18.57 17.38
N ILE B 194 15.95 19.05 17.24
CA ILE B 194 15.41 19.50 15.96
C ILE B 194 15.43 21.03 15.97
N VAL B 195 16.15 21.63 15.03
CA VAL B 195 16.30 23.07 14.99
C VAL B 195 15.98 23.59 13.60
N PHE B 196 15.68 24.88 13.54
CA PHE B 196 15.35 25.56 12.29
C PHE B 196 16.45 26.57 12.00
N LYS B 197 16.99 26.52 10.78
CA LYS B 197 18.11 27.39 10.42
C LYS B 197 17.97 27.81 8.97
N ASP B 198 18.71 28.87 8.60
CA ASP B 198 18.72 29.32 7.21
C ASP B 198 19.67 28.43 6.44
N VAL B 199 19.14 27.33 5.93
CA VAL B 199 19.88 26.39 5.09
C VAL B 199 18.99 26.06 3.89
N PRO B 200 19.60 25.62 2.78
CA PRO B 200 18.78 25.34 1.58
C PRO B 200 17.90 24.11 1.71
N LEU B 201 18.40 23.05 2.34
CA LEU B 201 17.76 21.74 2.32
C LEU B 201 17.76 21.14 3.72
N PRO B 202 16.79 20.28 4.03
CA PRO B 202 16.84 19.55 5.30
C PRO B 202 18.14 18.75 5.38
N ILE B 203 18.80 18.82 6.53
CA ILE B 203 20.12 18.25 6.68
C ILE B 203 20.28 17.79 8.12
N GLU B 204 21.02 16.70 8.30
CA GLU B 204 21.35 16.21 9.62
C GLU B 204 22.86 16.26 9.82
N THR B 205 23.29 16.87 10.93
CA THR B 205 24.68 16.86 11.34
C THR B 205 24.86 15.87 12.49
N ASP B 206 26.10 15.73 12.95
CA ASP B 206 26.34 14.93 14.14
C ASP B 206 25.51 15.42 15.31
N ASP B 207 25.26 16.73 15.37
CA ASP B 207 24.66 17.34 16.55
C ASP B 207 23.18 17.67 16.40
N GLU B 208 22.66 17.87 15.18
CA GLU B 208 21.33 18.43 15.05
C GLU B 208 20.60 17.86 13.85
N LEU B 209 19.27 17.79 13.98
CA LEU B 209 18.38 17.65 12.85
C LEU B 209 17.92 19.05 12.45
N ILE B 210 18.26 19.48 11.24
CA ILE B 210 18.08 20.87 10.83
C ILE B 210 16.97 20.94 9.78
N ILE B 211 15.88 21.59 10.14
CA ILE B 211 14.79 21.89 9.20
C ILE B 211 14.98 23.31 8.67
N PRO B 212 14.92 23.52 7.36
CA PRO B 212 15.10 24.88 6.83
C PRO B 212 14.02 25.83 7.33
N ASN B 213 14.41 27.09 7.49
CA ASN B 213 13.43 28.13 7.76
C ASN B 213 12.42 28.29 6.62
N THR B 214 12.75 27.82 5.41
CA THR B 214 11.81 27.86 4.30
C THR B 214 10.74 26.79 4.39
N CYS B 215 10.79 25.90 5.39
CA CYS B 215 9.83 24.79 5.50
C CYS B 215 8.53 25.33 6.05
N GLU B 216 7.68 25.83 5.15
CA GLU B 216 6.53 26.62 5.52
C GLU B 216 5.31 25.80 5.91
N ASN B 217 5.16 24.61 5.34
CA ASN B 217 3.87 23.92 5.31
C ASN B 217 3.98 22.50 5.84
N VAL B 218 2.84 22.01 6.34
CA VAL B 218 2.71 20.60 6.68
C VAL B 218 1.47 20.05 5.97
N ILE B 219 1.62 18.88 5.37
CA ILE B 219 0.53 18.15 4.74
C ILE B 219 0.17 17.01 5.68
N VAL B 220 -1.10 16.94 6.09
CA VAL B 220 -1.54 15.94 7.07
C VAL B 220 -2.49 14.97 6.37
N ALA B 221 -2.23 13.67 6.54
CA ALA B 221 -3.07 12.61 5.97
C ALA B 221 -3.80 11.83 7.05
N GLY B 222 -5.07 11.52 6.78
CA GLY B 222 -5.84 10.59 7.60
C GLY B 222 -5.94 9.26 6.87
N ILE B 223 -5.65 8.18 7.60
CA ILE B 223 -5.59 6.83 7.04
C ILE B 223 -6.59 6.00 7.84
N ALA B 224 -7.72 5.67 7.21
CA ALA B 224 -8.85 5.14 7.97
C ALA B 224 -8.62 3.70 8.40
N MET B 225 -8.96 3.41 9.65
CA MET B 225 -8.92 2.06 10.19
C MET B 225 -10.27 1.37 9.94
N ASN B 226 -10.31 0.06 10.17
CA ASN B 226 -11.49 -0.73 9.88
C ASN B 226 -12.41 -0.76 11.10
N ARG B 227 -13.69 -0.45 10.88
CA ARG B 227 -14.61 -0.27 12.01
C ARG B 227 -14.89 -1.60 12.72
N GLU B 228 -15.20 -2.65 11.96
CA GLU B 228 -15.47 -3.96 12.55
C GLU B 228 -14.30 -4.42 13.41
N MET B 229 -13.08 -4.23 12.92
CA MET B 229 -11.91 -4.70 13.67
C MET B 229 -11.64 -3.84 14.89
N MET B 230 -11.75 -2.51 14.76
CA MET B 230 -11.52 -1.67 15.94
C MET B 230 -12.58 -1.92 17.01
N GLN B 231 -13.79 -2.33 16.61
CA GLN B 231 -14.79 -2.59 17.64
C GLN B 231 -14.52 -3.87 18.45
N THR B 232 -13.50 -4.66 18.11
CA THR B 232 -13.06 -5.76 18.97
C THR B 232 -12.09 -5.30 20.06
N ALA B 233 -11.75 -4.02 20.13
CA ALA B 233 -10.85 -3.50 21.17
C ALA B 233 -11.35 -3.97 22.53
N PRO B 234 -10.44 -4.39 23.42
CA PRO B 234 -8.97 -4.36 23.36
C PRO B 234 -8.33 -5.64 22.80
N ASN B 235 -9.07 -6.39 21.99
CA ASN B 235 -8.63 -7.70 21.55
C ASN B 235 -7.81 -7.59 20.25
N SER B 236 -7.38 -8.75 19.74
CA SER B 236 -6.31 -8.78 18.74
C SER B 236 -6.68 -8.16 17.40
N MET B 237 -7.94 -8.23 16.97
CA MET B 237 -8.23 -7.68 15.65
C MET B 237 -8.15 -6.14 15.63
N ALA B 238 -8.39 -5.48 16.78
CA ALA B 238 -8.13 -4.05 16.86
C ALA B 238 -6.64 -3.77 16.68
N CYS B 239 -5.79 -4.66 17.22
CA CYS B 239 -4.35 -4.51 17.02
C CYS B 239 -4.00 -4.65 15.55
N ALA B 240 -4.70 -5.52 14.82
CA ALA B 240 -4.32 -5.76 13.43
C ALA B 240 -4.67 -4.57 12.54
N THR B 241 -5.84 -3.95 12.73
CA THR B 241 -6.13 -2.79 11.88
C THR B 241 -5.19 -1.62 12.23
N THR B 242 -4.85 -1.46 13.52
CA THR B 242 -3.83 -0.49 13.89
C THR B 242 -2.53 -0.74 13.12
N ALA B 243 -2.05 -1.97 13.13
CA ALA B 243 -0.74 -2.29 12.57
C ALA B 243 -0.73 -2.06 11.06
N PHE B 244 -1.73 -2.57 10.35
CA PHE B 244 -1.75 -2.41 8.90
C PHE B 244 -1.74 -0.93 8.53
N CYS B 245 -2.44 -0.10 9.31
CA CYS B 245 -2.47 1.31 8.97
C CYS B 245 -1.13 2.01 9.22
N TYR B 246 -0.31 1.50 10.14
CA TYR B 246 1.04 2.05 10.28
C TYR B 246 1.87 1.80 9.03
N SER B 247 1.72 0.62 8.41
CA SER B 247 2.45 0.41 7.17
C SER B 247 1.87 1.25 6.04
N ARG B 248 0.55 1.46 6.03
CA ARG B 248 -0.03 2.40 5.05
C ARG B 248 0.50 3.81 5.25
N MET B 249 0.65 4.24 6.51
CA MET B 249 1.28 5.54 6.80
C MET B 249 2.66 5.64 6.17
N CYS B 250 3.49 4.61 6.35
CA CYS B 250 4.85 4.68 5.85
C CYS B 250 4.88 4.76 4.34
N MET B 251 4.06 3.95 3.66
CA MET B 251 4.03 4.05 2.20
C MET B 251 3.54 5.43 1.74
N PHE B 252 2.55 5.98 2.43
CA PHE B 252 2.08 7.32 2.11
C PHE B 252 3.22 8.34 2.15
N ASP B 253 3.96 8.36 3.26
CA ASP B 253 5.03 9.34 3.43
C ASP B 253 6.07 9.22 2.32
N MET B 254 6.49 7.99 2.01
CA MET B 254 7.51 7.81 0.98
C MET B 254 6.99 8.23 -0.39
N TRP B 255 5.81 7.74 -0.76
CA TRP B 255 5.23 8.12 -2.04
C TRP B 255 5.10 9.66 -2.16
N LEU B 256 4.54 10.30 -1.14
CA LEU B 256 4.28 11.73 -1.25
C LEU B 256 5.58 12.54 -1.24
N CYS B 257 6.54 12.16 -0.38
CA CYS B 257 7.84 12.83 -0.40
C CYS B 257 8.50 12.73 -1.77
N GLN B 258 8.45 11.55 -2.38
CA GLN B 258 9.04 11.42 -3.70
C GLN B 258 8.32 12.30 -4.72
N PHE B 259 6.98 12.36 -4.68
CA PHE B 259 6.27 13.22 -5.61
C PHE B 259 6.71 14.67 -5.44
N ILE B 260 6.78 15.14 -4.19
CA ILE B 260 7.16 16.52 -3.93
C ILE B 260 8.59 16.79 -4.39
N ARG B 261 9.51 15.85 -4.13
CA ARG B 261 10.89 16.02 -4.58
C ARG B 261 10.96 16.05 -6.10
N TYR B 262 10.20 15.19 -6.77
CA TYR B 262 10.21 15.17 -8.23
C TYR B 262 9.51 16.38 -8.83
N MET B 263 8.77 17.16 -8.03
CA MET B 263 8.21 18.45 -8.44
C MET B 263 9.20 19.60 -8.26
N GLY B 264 10.35 19.34 -7.66
CA GLY B 264 11.34 20.38 -7.47
C GLY B 264 11.42 20.98 -6.07
N TYR B 265 10.75 20.39 -5.08
CA TYR B 265 10.76 20.88 -3.71
C TYR B 265 11.39 19.83 -2.81
N TYR B 266 11.55 20.14 -1.52
CA TYR B 266 12.00 19.12 -0.57
C TYR B 266 10.83 18.68 0.29
N ALA B 267 11.02 17.55 0.98
CA ALA B 267 9.93 16.94 1.73
C ALA B 267 10.51 16.12 2.86
N ILE B 268 9.94 16.26 4.05
CA ILE B 268 10.38 15.56 5.25
C ILE B 268 9.26 14.61 5.67
N PRO B 269 9.47 13.30 5.65
CA PRO B 269 8.45 12.36 6.14
C PRO B 269 8.49 12.31 7.67
N SER B 270 7.48 11.67 8.27
CA SER B 270 7.55 11.59 9.73
C SER B 270 6.83 10.43 10.41
N CYS B 271 5.70 9.95 9.86
CA CYS B 271 4.89 8.96 10.58
C CYS B 271 4.68 9.43 12.03
N ASN B 272 5.07 8.64 13.04
CA ASN B 272 4.83 9.08 14.43
C ASN B 272 5.93 9.99 14.98
N GLY B 273 6.98 10.28 14.20
CA GLY B 273 8.04 11.13 14.69
C GLY B 273 7.84 12.62 14.36
N VAL B 274 8.88 13.39 14.71
CA VAL B 274 9.11 14.80 14.37
C VAL B 274 8.17 15.76 15.12
N GLY B 275 6.87 15.46 15.18
CA GLY B 275 5.97 16.36 15.87
C GLY B 275 4.63 15.71 16.18
N GLN B 276 3.75 16.48 16.81
CA GLN B 276 2.48 15.98 17.35
C GLN B 276 1.41 16.02 16.28
N SER B 277 1.04 14.83 15.79
CA SER B 277 0.11 14.71 14.66
C SER B 277 -1.25 15.30 14.96
N VAL B 278 -1.76 15.13 16.19
CA VAL B 278 -3.11 15.58 16.46
C VAL B 278 -3.21 17.09 16.29
N ALA B 279 -2.21 17.84 16.79
CA ALA B 279 -2.23 19.28 16.65
C ALA B 279 -2.18 19.68 15.18
N PHE B 280 -1.27 19.09 14.41
CA PHE B 280 -1.19 19.36 12.97
C PHE B 280 -2.52 19.07 12.29
N ALA B 281 -3.15 17.94 12.63
CA ALA B 281 -4.40 17.55 11.98
C ALA B 281 -5.50 18.54 12.29
N VAL B 282 -5.54 19.06 13.52
CA VAL B 282 -6.56 20.05 13.87
C VAL B 282 -6.33 21.35 13.11
N GLU B 283 -5.08 21.79 13.04
CA GLU B 283 -4.77 23.03 12.32
C GLU B 283 -4.96 22.88 10.83
N ALA B 284 -4.87 21.65 10.30
CA ALA B 284 -5.10 21.43 8.87
C ALA B 284 -6.57 21.14 8.55
N GLY B 285 -7.45 21.15 9.55
CA GLY B 285 -8.88 21.01 9.31
C GLY B 285 -9.38 19.60 9.11
N LEU B 286 -8.58 18.58 9.44
CA LEU B 286 -9.10 17.21 9.37
C LEU B 286 -10.18 16.95 10.41
N GLY B 287 -10.06 17.56 11.58
CA GLY B 287 -11.02 17.30 12.64
C GLY B 287 -10.76 18.18 13.82
N GLN B 288 -11.35 17.80 14.96
CA GLN B 288 -11.24 18.55 16.20
C GLN B 288 -10.65 17.68 17.30
N ALA B 289 -9.93 18.32 18.22
CA ALA B 289 -9.45 17.63 19.41
C ALA B 289 -10.62 17.18 20.26
N SER B 290 -10.41 16.10 21.02
CA SER B 290 -11.47 15.43 21.75
C SER B 290 -11.05 15.14 23.20
N ARG B 291 -12.01 14.65 23.99
CA ARG B 291 -11.69 14.30 25.39
C ARG B 291 -10.63 13.23 25.47
N MET B 292 -10.74 12.19 24.64
CA MET B 292 -9.75 11.12 24.70
C MET B 292 -8.38 11.61 24.25
N GLY B 293 -8.33 12.72 23.51
CA GLY B 293 -7.08 13.31 23.07
C GLY B 293 -6.84 13.16 21.59
N ALA B 294 -7.64 12.35 20.90
CA ALA B 294 -7.46 12.13 19.47
C ALA B 294 -8.11 13.24 18.66
N CYS B 295 -7.69 13.34 17.39
CA CYS B 295 -8.41 14.18 16.44
C CYS B 295 -9.64 13.43 15.94
N ILE B 296 -10.83 13.98 16.18
CA ILE B 296 -12.08 13.37 15.72
C ILE B 296 -12.46 14.01 14.39
N THR B 297 -12.65 13.15 13.35
CA THR B 297 -13.01 13.58 12.01
C THR B 297 -14.48 13.33 11.75
N PRO B 298 -15.11 14.11 10.86
CA PRO B 298 -16.51 13.82 10.53
C PRO B 298 -16.70 12.47 9.86
N GLU B 299 -15.74 12.05 9.02
CA GLU B 299 -15.93 10.83 8.25
C GLU B 299 -15.73 9.57 9.10
N PHE B 300 -14.77 9.59 10.02
CA PHE B 300 -14.37 8.37 10.71
C PHE B 300 -14.40 8.49 12.22
N GLY B 301 -14.79 9.64 12.76
CA GLY B 301 -14.55 9.96 14.14
C GLY B 301 -13.06 9.88 14.43
N PRO B 302 -12.69 9.34 15.58
CA PRO B 302 -11.28 9.14 15.91
C PRO B 302 -10.67 7.86 15.33
N ASN B 303 -11.44 7.06 14.59
CA ASN B 303 -10.98 5.75 14.10
C ASN B 303 -10.20 5.92 12.79
N VAL B 304 -9.13 6.70 12.87
CA VAL B 304 -8.33 7.07 11.71
C VAL B 304 -6.93 7.37 12.20
N ARG B 305 -5.92 6.89 11.46
CA ARG B 305 -4.55 7.18 11.84
C ARG B 305 -4.07 8.43 11.10
N LEU B 306 -3.04 9.06 11.66
CA LEU B 306 -2.50 10.29 11.11
C LEU B 306 -1.03 10.13 10.73
N THR B 307 -0.64 10.75 9.62
CA THR B 307 0.77 10.98 9.33
C THR B 307 0.91 12.33 8.66
N LYS B 308 2.15 12.77 8.47
CA LYS B 308 2.31 14.13 7.97
C LYS B 308 3.67 14.27 7.32
N VAL B 309 3.75 15.24 6.39
CA VAL B 309 4.93 15.52 5.59
C VAL B 309 5.15 17.02 5.60
N PHE B 310 6.41 17.45 5.82
CA PHE B 310 6.76 18.87 5.90
C PHE B 310 7.46 19.32 4.63
N THR B 311 7.11 20.51 4.13
CA THR B 311 7.64 20.88 2.82
C THR B 311 7.67 22.39 2.64
N ASN B 312 8.58 22.85 1.78
CA ASN B 312 8.60 24.24 1.32
C ASN B 312 7.73 24.47 0.08
N MET B 313 7.10 23.42 -0.45
CA MET B 313 6.18 23.59 -1.58
C MET B 313 5.11 24.62 -1.24
N PRO B 314 4.93 25.66 -2.09
CA PRO B 314 3.85 26.62 -1.86
C PRO B 314 2.49 25.93 -1.95
N LEU B 315 1.64 26.20 -0.96
CA LEU B 315 0.35 25.52 -0.83
C LEU B 315 -0.65 26.50 -0.23
N VAL B 316 -1.93 26.20 -0.42
CA VAL B 316 -3.03 26.98 0.18
C VAL B 316 -3.47 26.27 1.46
N PRO B 317 -3.34 26.90 2.62
CA PRO B 317 -3.79 26.25 3.85
C PRO B 317 -5.29 26.03 3.86
N ASP B 318 -5.69 24.88 4.40
CA ASP B 318 -7.10 24.62 4.60
C ASP B 318 -7.61 25.36 5.84
N LYS B 319 -8.95 25.48 5.93
CA LYS B 319 -9.47 26.13 7.12
C LYS B 319 -9.73 25.10 8.22
N PRO B 320 -9.50 25.45 9.48
CA PRO B 320 -9.94 24.58 10.58
C PRO B 320 -11.46 24.40 10.55
N ILE B 321 -11.92 23.30 11.15
CA ILE B 321 -13.33 22.94 11.10
C ILE B 321 -13.88 22.87 12.51
N ASP B 322 -15.14 23.29 12.66
CA ASP B 322 -15.83 23.23 13.94
C ASP B 322 -17.18 22.60 13.66
N PHE B 323 -17.35 21.33 14.04
CA PHE B 323 -18.66 20.70 13.95
C PHE B 323 -19.17 20.26 15.31
N GLY B 324 -18.73 20.96 16.36
CA GLY B 324 -19.30 20.79 17.69
C GLY B 324 -18.70 19.69 18.53
N VAL B 325 -17.49 19.21 18.22
CA VAL B 325 -16.89 18.14 19.01
C VAL B 325 -16.67 18.59 20.44
N THR B 326 -16.13 19.80 20.63
CA THR B 326 -15.79 20.28 21.97
C THR B 326 -17.03 20.27 22.87
N GLU B 327 -18.13 20.82 22.37
CA GLU B 327 -19.36 20.86 23.17
C GLU B 327 -19.94 19.46 23.38
N PHE B 328 -19.74 18.55 22.43
CA PHE B 328 -20.23 17.19 22.62
C PHE B 328 -19.40 16.47 23.68
N CYS B 329 -18.06 16.57 23.57
CA CYS B 329 -17.20 15.91 24.56
C CYS B 329 -17.41 16.49 25.93
N GLU B 330 -17.85 17.75 26.02
CA GLU B 330 -18.05 18.37 27.33
C GLU B 330 -19.03 17.55 28.17
N THR B 331 -20.07 17.01 27.54
CA THR B 331 -21.10 16.29 28.28
C THR B 331 -21.10 14.78 28.07
N CYS B 332 -20.27 14.23 27.18
CA CYS B 332 -20.37 12.82 26.84
C CYS B 332 -19.67 11.91 27.86
N LYS B 333 -18.33 11.99 27.94
CA LYS B 333 -17.51 11.25 28.91
C LYS B 333 -17.58 9.72 28.76
N LYS B 334 -18.08 9.22 27.62
CA LYS B 334 -18.20 7.77 27.41
C LYS B 334 -16.83 7.09 27.39
N CYS B 335 -15.85 7.68 26.71
CA CYS B 335 -14.52 7.09 26.68
C CYS B 335 -13.93 7.05 28.08
N ALA B 336 -14.11 8.11 28.86
CA ALA B 336 -13.58 8.17 30.21
C ALA B 336 -14.20 7.09 31.10
N ARG B 337 -15.48 6.77 30.90
CA ARG B 337 -16.10 5.77 31.75
C ARG B 337 -15.76 4.34 31.32
N GLU B 338 -15.46 4.12 30.03
CA GLU B 338 -15.14 2.79 29.54
C GLU B 338 -13.65 2.45 29.57
N CYS B 339 -12.79 3.45 29.69
CA CYS B 339 -11.35 3.24 29.70
C CYS B 339 -10.94 2.22 30.76
N PRO B 340 -10.32 1.08 30.38
CA PRO B 340 -9.98 0.06 31.37
C PRO B 340 -8.92 0.49 32.37
N SER B 341 -8.22 1.61 32.15
CA SER B 341 -7.16 2.04 33.05
C SER B 341 -7.47 3.36 33.75
N LYS B 342 -8.65 3.92 33.52
CA LYS B 342 -9.02 5.25 34.05
C LYS B 342 -8.00 6.31 33.67
N ALA B 343 -7.46 6.22 32.45
CA ALA B 343 -6.49 7.19 31.98
C ALA B 343 -7.12 8.51 31.55
N ILE B 344 -8.38 8.50 31.12
CA ILE B 344 -9.02 9.67 30.53
C ILE B 344 -9.79 10.44 31.59
N THR B 345 -9.58 11.76 31.65
CA THR B 345 -10.21 12.58 32.66
C THR B 345 -11.69 12.81 32.39
N GLU B 346 -12.46 12.97 33.46
CA GLU B 346 -13.83 13.45 33.35
C GLU B 346 -13.96 14.92 33.70
N GLY B 347 -12.85 15.59 34.02
CA GLY B 347 -12.88 16.98 34.39
C GLY B 347 -12.87 17.90 33.17
N PRO B 348 -12.75 19.20 33.42
CA PRO B 348 -12.70 20.17 32.32
C PRO B 348 -11.30 20.30 31.74
N ARG B 349 -11.20 21.06 30.66
CA ARG B 349 -9.92 21.31 30.02
C ARG B 349 -9.11 22.33 30.82
N THR B 350 -7.79 22.13 30.84
CA THR B 350 -6.87 23.06 31.51
C THR B 350 -5.63 23.25 30.66
N PHE B 351 -4.77 24.19 31.07
CA PHE B 351 -3.47 24.42 30.46
C PHE B 351 -2.35 23.69 31.18
N GLU B 352 -2.67 22.82 32.13
CA GLU B 352 -1.66 22.24 33.01
C GLU B 352 -1.64 20.73 32.83
N GLY B 353 -0.51 20.20 32.36
CA GLY B 353 -0.39 18.77 32.16
C GLY B 353 -0.54 18.02 33.47
N ARG B 354 -1.04 16.79 33.35
CA ARG B 354 -1.13 15.93 34.53
C ARG B 354 0.21 15.32 34.89
N SER B 355 1.08 15.10 33.91
CA SER B 355 2.38 14.50 34.19
C SER B 355 3.36 14.90 33.10
N ILE B 356 4.57 14.36 33.19
CA ILE B 356 5.62 14.64 32.22
C ILE B 356 5.16 14.31 30.79
N HIS B 357 4.20 13.40 30.62
CA HIS B 357 3.84 12.95 29.28
C HIS B 357 2.99 13.96 28.52
N ASN B 358 2.38 14.93 29.22
CA ASN B 358 1.59 15.98 28.59
C ASN B 358 2.41 17.25 28.36
N GLN B 359 2.12 17.93 27.25
CA GLN B 359 2.68 19.25 26.98
C GLN B 359 1.80 20.31 27.63
N SER B 360 2.28 20.94 28.69
CA SER B 360 1.56 22.05 29.31
C SER B 360 1.58 23.28 28.42
N GLY B 361 0.61 24.17 28.65
CA GLY B 361 0.53 25.42 27.92
C GLY B 361 -0.50 25.47 26.82
N LYS B 362 -1.25 24.39 26.58
CA LYS B 362 -2.29 24.38 25.56
C LYS B 362 -3.57 23.84 26.19
N LEU B 363 -4.70 24.42 25.79
CA LEU B 363 -5.98 24.06 26.38
C LEU B 363 -6.45 22.72 25.82
N GLN B 364 -6.55 21.71 26.68
CA GLN B 364 -6.92 20.37 26.25
C GLN B 364 -7.43 19.59 27.47
N TRP B 365 -8.06 18.45 27.19
CA TRP B 365 -8.33 17.49 28.26
C TRP B 365 -7.02 16.76 28.57
N GLN B 366 -6.61 16.82 29.84
CA GLN B 366 -5.33 16.28 30.29
C GLN B 366 -5.54 14.84 30.77
N ASN B 367 -4.94 13.89 30.06
CA ASN B 367 -5.09 12.48 30.37
C ASN B 367 -3.79 11.90 30.92
N ASP B 368 -3.92 10.81 31.67
CA ASP B 368 -2.74 10.15 32.27
C ASP B 368 -2.29 9.03 31.33
N TYR B 369 -1.25 9.30 30.54
CA TYR B 369 -0.89 8.37 29.48
C TYR B 369 0.00 7.23 29.96
N ASN B 370 0.56 7.36 31.17
CA ASN B 370 1.21 6.21 31.80
C ASN B 370 0.19 5.14 32.20
N LYS B 371 -0.98 5.57 32.70
CA LYS B 371 -2.04 4.61 33.00
C LYS B 371 -2.49 3.87 31.75
N CYS B 372 -2.63 4.60 30.62
CA CYS B 372 -2.99 3.94 29.37
C CYS B 372 -1.96 2.90 28.98
N LEU B 373 -0.67 3.28 28.94
CA LEU B 373 0.33 2.32 28.50
C LEU B 373 0.37 1.10 29.41
N GLY B 374 0.14 1.31 30.71
CA GLY B 374 0.16 0.19 31.63
C GLY B 374 -0.84 -0.90 31.28
N TYR B 375 -1.93 -0.54 30.60
CA TYR B 375 -2.93 -1.55 30.28
C TYR B 375 -2.53 -2.40 29.09
N TRP B 376 -1.53 -1.94 28.32
CA TRP B 376 -1.17 -2.67 27.10
C TRP B 376 -0.48 -4.01 27.40
N PRO B 377 0.54 -4.09 28.28
CA PRO B 377 1.03 -5.41 28.63
C PRO B 377 0.00 -6.27 29.34
N GLU B 378 -0.91 -5.69 30.12
N GLU B 378 -0.88 -5.68 30.13
CA GLU B 378 -1.91 -6.49 30.80
CA GLU B 378 -1.92 -6.44 30.81
C GLU B 378 -2.87 -7.14 29.82
C GLU B 378 -2.82 -7.14 29.80
N SER B 379 -3.21 -6.43 28.75
CA SER B 379 -4.18 -6.92 27.79
C SER B 379 -3.53 -7.56 26.57
N GLY B 380 -2.22 -7.42 26.41
CA GLY B 380 -1.55 -8.02 25.26
C GLY B 380 -1.85 -7.37 23.92
N GLY B 381 -2.23 -6.09 23.93
CA GLY B 381 -2.58 -5.40 22.68
C GLY B 381 -2.33 -3.91 22.76
N TYR B 382 -3.05 -3.12 21.95
CA TYR B 382 -2.91 -1.66 21.90
C TYR B 382 -4.22 -0.99 22.31
N CYS B 383 -5.03 -1.72 23.09
CA CYS B 383 -6.33 -1.30 23.60
C CYS B 383 -7.16 -0.69 22.48
N GLY B 384 -7.44 0.62 22.55
CA GLY B 384 -8.32 1.26 21.60
C GLY B 384 -9.77 1.30 22.01
N VAL B 385 -10.09 0.94 23.25
CA VAL B 385 -11.48 0.92 23.69
C VAL B 385 -12.10 2.30 23.54
N CYS B 386 -11.33 3.35 23.81
CA CYS B 386 -11.85 4.73 23.69
C CYS B 386 -12.30 5.02 22.27
N VAL B 387 -11.47 4.67 21.28
CA VAL B 387 -11.86 4.83 19.88
C VAL B 387 -13.09 4.00 19.58
N ALA B 388 -13.14 2.77 20.08
CA ALA B 388 -14.25 1.87 19.76
C ALA B 388 -15.58 2.39 20.30
N VAL B 389 -15.60 2.96 21.50
CA VAL B 389 -16.87 3.36 22.11
C VAL B 389 -17.32 4.78 21.73
N CYS B 390 -16.45 5.57 21.12
CA CYS B 390 -16.78 6.96 20.82
C CYS B 390 -17.97 7.04 19.88
N PRO B 391 -19.02 7.81 20.20
CA PRO B 391 -20.14 7.96 19.26
C PRO B 391 -19.72 8.41 17.87
N PHE B 392 -18.64 9.17 17.73
CA PHE B 392 -18.26 9.63 16.41
C PHE B 392 -17.68 8.52 15.54
N THR B 393 -17.25 7.41 16.15
CA THR B 393 -16.73 6.28 15.37
C THR B 393 -17.84 5.55 14.62
N LYS B 394 -19.05 5.52 15.16
CA LYS B 394 -20.14 4.73 14.56
C LYS B 394 -20.67 5.33 13.25
N ASN B 431 -18.37 -10.81 17.77
CA ASN B 431 -17.14 -11.34 18.30
C ASN B 431 -16.11 -11.49 17.19
N ILE B 432 -14.93 -11.99 17.52
CA ILE B 432 -13.85 -11.99 16.54
C ILE B 432 -14.07 -13.05 15.45
N THR B 433 -14.70 -14.19 15.77
CA THR B 433 -15.06 -15.14 14.70
C THR B 433 -15.95 -14.49 13.65
N GLU B 434 -16.93 -13.71 14.09
CA GLU B 434 -17.79 -13.02 13.15
C GLU B 434 -17.03 -11.99 12.32
N VAL B 435 -15.98 -11.39 12.87
CA VAL B 435 -15.19 -10.46 12.05
C VAL B 435 -14.45 -11.23 10.96
N TRP B 436 -13.77 -12.33 11.33
CA TRP B 436 -13.06 -13.15 10.34
C TRP B 436 -14.00 -13.72 9.29
N ASP B 437 -15.24 -14.03 9.65
CA ASP B 437 -16.20 -14.59 8.71
C ASP B 437 -17.03 -13.52 8.01
N GLY B 438 -16.81 -12.24 8.33
CA GLY B 438 -17.71 -11.17 7.95
C GLY B 438 -17.18 -10.30 6.84
N LYS B 439 -17.73 -9.09 6.77
CA LYS B 439 -17.50 -8.16 5.66
C LYS B 439 -16.07 -7.63 5.68
N ILE B 440 -15.42 -7.60 4.51
CA ILE B 440 -14.12 -6.96 4.35
C ILE B 440 -14.01 -6.49 2.90
N ASN B 441 -13.09 -5.56 2.66
CA ASN B 441 -12.88 -5.02 1.32
C ASN B 441 -11.44 -4.51 1.31
N THR B 442 -11.02 -3.95 0.20
CA THR B 442 -9.60 -3.66 0.03
C THR B 442 -9.09 -2.67 1.09
N TYR B 443 -7.94 -2.99 1.70
CA TYR B 443 -7.33 -2.21 2.78
C TYR B 443 -8.26 -2.04 3.97
N GLY B 444 -9.29 -2.88 4.07
CA GLY B 444 -10.25 -2.76 5.16
C GLY B 444 -11.20 -1.59 5.02
N LEU B 445 -11.21 -0.92 3.87
CA LEU B 445 -12.16 0.17 3.65
C LEU B 445 -13.56 -0.39 3.42
N ASP B 446 -14.57 0.47 3.62
CA ASP B 446 -15.97 0.07 3.62
C ASP B 446 -16.70 0.75 2.46
N ALA B 447 -17.21 -0.05 1.52
CA ALA B 447 -17.89 0.53 0.37
C ALA B 447 -19.19 1.21 0.76
N ASP B 448 -19.74 0.91 1.94
CA ASP B 448 -20.95 1.62 2.36
C ASP B 448 -20.67 3.08 2.67
N HIS B 449 -19.41 3.45 2.87
CA HIS B 449 -19.06 4.82 3.23
C HIS B 449 -17.99 5.43 2.32
N PHE B 450 -17.34 4.63 1.47
CA PHE B 450 -16.23 5.12 0.67
C PHE B 450 -16.62 6.30 -0.22
N ARG B 451 -17.90 6.45 -0.56
CA ARG B 451 -18.28 7.64 -1.33
C ARG B 451 -18.02 8.94 -0.57
N ASP B 452 -17.99 8.89 0.76
CA ASP B 452 -17.77 10.12 1.53
C ASP B 452 -16.38 10.73 1.30
N THR B 453 -15.40 9.97 0.80
CA THR B 453 -14.08 10.56 0.57
C THR B 453 -13.77 10.77 -0.90
N VAL B 454 -14.78 10.69 -1.78
CA VAL B 454 -14.54 11.09 -3.17
C VAL B 454 -14.12 12.56 -3.20
N SER B 455 -13.30 12.91 -4.18
CA SER B 455 -12.70 14.23 -4.24
C SER B 455 -12.65 14.73 -5.67
N PHE B 456 -13.05 15.98 -5.86
CA PHE B 456 -12.91 16.72 -7.10
C PHE B 456 -12.09 17.97 -6.80
N ARG B 457 -11.66 18.67 -7.86
CA ARG B 457 -10.86 19.87 -7.64
C ARG B 457 -11.55 20.87 -6.71
N LYS B 458 -12.88 21.00 -6.83
CA LYS B 458 -13.62 21.97 -6.03
C LYS B 458 -13.35 21.79 -4.54
N ASP B 459 -13.18 20.55 -4.07
CA ASP B 459 -12.95 20.30 -2.66
C ASP B 459 -11.47 20.15 -2.31
N ARG B 460 -10.58 20.11 -3.31
CA ARG B 460 -9.15 20.11 -3.01
C ARG B 460 -8.60 21.51 -2.80
N VAL B 461 -9.12 22.50 -3.53
CA VAL B 461 -8.61 23.84 -3.34
C VAL B 461 -9.65 24.90 -3.69
FE1 SF4 C . -10.52 -6.67 -25.22
FE2 SF4 C . -10.51 -9.12 -26.43
FE3 SF4 C . -8.89 -7.15 -27.39
FE4 SF4 C . -11.60 -6.93 -27.67
S1 SF4 C . -10.23 -8.54 -28.63
S2 SF4 C . -10.19 -5.31 -26.97
S3 SF4 C . -12.37 -7.89 -25.80
S4 SF4 C . -8.73 -8.14 -25.37
FE1 SF4 D . 0.41 -0.52 -26.53
FE2 SF4 D . -0.87 -2.82 -25.87
FE3 SF4 D . 0.06 -2.42 -28.40
FE4 SF4 D . 1.78 -2.82 -26.39
S1 SF4 D . 0.24 -4.33 -27.15
S2 SF4 D . 1.99 -1.23 -28.04
S3 SF4 D . 0.79 -1.83 -24.62
S4 SF4 D . -1.57 -1.28 -27.41
P BVQ E . 3.61 -15.56 -23.77
CO BVQ E . 3.42 -6.79 -19.29
C1 BVQ E . 2.23 -8.41 -17.31
C2 BVQ E . 1.32 -8.18 -16.04
O2 BVQ E . 2.39 -15.17 -22.77
C3 BVQ E . 0.24 -7.19 -16.60
O3 BVQ E . 4.85 -14.82 -23.05
C4 BVQ E . 1.00 -6.50 -17.71
O4 BVQ E . 3.74 -17.02 -23.79
C5 BVQ E . 0.57 -5.22 -18.37
O5 BVQ E . 3.41 -14.79 -25.05
C6 BVQ E . 1.24 -4.72 -19.46
C7 BVQ E . 0.92 -3.49 -20.32
C8 BVQ E . 1.43 -3.99 -21.70
C9 BVQ E . 2.57 -4.88 -21.26
C10 BVQ E . 3.67 -5.11 -22.10
C11 BVQ E . 4.70 -5.98 -21.79
C12 BVQ E . 5.85 -6.20 -22.74
C13 BVQ E . 6.75 -7.26 -22.02
C14 BVQ E . 5.89 -7.59 -20.74
C15 BVQ E . 6.31 -8.50 -19.80
C16 BVQ E . 5.49 -8.80 -18.59
C17 BVQ E . 5.82 -9.77 -17.46
C18 BVQ E . 4.44 -9.88 -16.80
C19 BVQ E . 3.79 -8.51 -17.07
N1B BVQ E . -0.06 -15.65 -21.07
C1P BVQ E . 6.47 -14.61 -21.27
C1R BVQ E . 0.03 -14.21 -21.26
C20 BVQ E . 1.81 -9.54 -18.24
N21 BVQ E . 2.08 -7.15 -18.03
N22 BVQ E . 2.31 -5.42 -20.04
N23 BVQ E . 4.75 -6.76 -20.67
N24 BVQ E . 4.38 -8.12 -18.37
C25 BVQ E . 0.79 -9.50 -15.43
C26 BVQ E . 2.15 -7.38 -14.98
C27 BVQ E . 1.40 -7.00 -13.68
O28 BVQ E . 0.16 -7.07 -13.61
N29 BVQ E . 2.15 -6.63 -12.65
C2B BVQ E . 0.82 -16.30 -20.32
C2P BVQ E . 5.41 -15.52 -21.95
C2R BVQ E . 0.41 -13.75 -22.67
C30 BVQ E . -1.06 -7.90 -17.07
C31 BVQ E . -2.15 -7.86 -16.00
C32 BVQ E . -3.36 -8.68 -16.39
N33 BVQ E . -4.55 -8.15 -16.11
O34 BVQ E . -3.23 -9.78 -16.92
C35 BVQ E . -0.69 -4.65 -17.77
C36 BVQ E . -0.55 -3.02 -20.45
C37 BVQ E . 1.82 -2.32 -19.89
C38 BVQ E . 1.28 -1.52 -18.69
O39 BVQ E . 1.04 -2.09 -17.61
N3B BVQ E . 0.51 -17.59 -20.09
C3R BVQ E . 1.93 -13.84 -22.60
N40 BVQ E . 1.11 -0.23 -18.86
C41 BVQ E . 0.32 -4.87 -22.33
C42 BVQ E . 0.77 -5.73 -23.51
C43 BVQ E . -0.23 -6.80 -23.90
O44 BVQ E . -0.74 -7.53 -23.05
N45 BVQ E . -0.52 -6.88 -25.19
C46 BVQ E . 6.64 -4.91 -22.98
C47 BVQ E . 5.22 -6.65 -24.07
C48 BVQ E . 7.13 -8.44 -22.94
C49 BVQ E . 6.21 -9.66 -22.90
N4B BVQ E . -1.36 -18.97 -20.81
C4R BVQ E . 2.22 -13.35 -21.18
C50 BVQ E . 6.89 -10.92 -23.41
O51 BVQ E . 8.10 -10.92 -23.65
N52 BVQ E . 6.14 -11.99 -23.55
C53 BVQ E . 7.63 -9.20 -19.92
C54 BVQ E . 6.88 -9.11 -16.54
C55 BVQ E . 6.28 -11.21 -17.82
C56 BVQ E . 5.39 -11.85 -18.89
C57 BVQ E . 6.03 -13.13 -19.37
O58 BVQ E . 6.61 -13.90 -18.59
N59 BVQ E . 5.92 -13.41 -20.67
C5B BVQ E . -2.46 -18.83 -21.55
C5R BVQ E . 2.41 -11.85 -21.09
C60 BVQ E . 4.46 -10.26 -15.31
C61 BVQ E . 4.55 -11.76 -15.16
N62 BVQ E . 5.57 -12.22 -14.43
O63 BVQ E . 3.73 -12.51 -15.69
N6B BVQ E . -2.91 -17.75 -22.19
O6R BVQ E . 1.05 -13.71 -20.41
N7A BVQ E . -2.66 -15.53 -22.77
C7B BVQ E . -2.21 -16.60 -22.10
O7R BVQ E . -0.09 -14.62 -23.68
C8B BVQ E . -1.02 -16.61 -21.34
O8R BVQ E . 3.58 -11.44 -21.78
C9B BVQ E . -0.67 -17.82 -20.74
C1 BEN F . 21.11 -7.06 -21.05
C2 BEN F . 19.74 -7.18 -21.22
C3 BEN F . 18.91 -7.28 -20.11
C4 BEN F . 19.44 -7.28 -18.84
C5 BEN F . 20.81 -7.16 -18.66
C6 BEN F . 21.64 -7.06 -19.78
C BEN F . 21.95 -6.97 -22.17
N1 BEN F . 23.22 -6.66 -22.05
N2 BEN F . 21.48 -7.20 -23.38
C1 GOL G . 14.65 -3.49 -16.75
O1 GOL G . 13.72 -3.70 -17.80
C2 GOL G . 15.88 -4.36 -16.98
O2 GOL G . 15.80 -4.98 -18.25
C3 GOL G . 15.95 -5.43 -15.92
O3 GOL G . 16.30 -4.83 -14.71
C1 GOL H . 10.81 -4.08 3.98
O1 GOL H . 11.86 -3.24 4.38
C2 GOL H . 11.28 -5.51 4.02
O2 GOL H . 11.59 -5.87 5.35
C3 GOL H . 12.47 -5.64 3.07
O3 GOL H . 12.78 -7.01 2.86
C1 GOL I . -11.48 -20.74 -30.41
O1 GOL I . -11.39 -21.94 -29.66
C2 GOL I . -10.16 -20.40 -31.10
O2 GOL I . -9.08 -21.08 -30.50
C3 GOL I . -9.89 -18.90 -31.09
O3 GOL I . -9.00 -18.58 -32.15
C1 GOL J . -5.91 -24.00 -36.60
O1 GOL J . -7.11 -23.27 -36.77
C2 GOL J . -5.34 -23.70 -35.21
O2 GOL J . -5.10 -22.32 -35.10
C3 GOL J . -4.03 -24.47 -35.03
O3 GOL J . -3.65 -24.44 -33.67
C1 GOL K . -22.25 -18.72 -20.91
O1 GOL K . -23.08 -18.23 -21.94
C2 GOL K . -20.83 -18.24 -21.15
O2 GOL K . -20.81 -17.39 -22.28
C3 GOL K . -19.92 -19.44 -21.40
O3 GOL K . -18.88 -19.10 -22.30
C1 GOL L . 6.56 -10.57 -36.59
O1 GOL L . 5.36 -10.21 -35.94
C2 GOL L . 6.75 -12.07 -36.57
O2 GOL L . 5.50 -12.73 -36.52
C3 GOL L . 7.61 -12.46 -35.36
O3 GOL L . 8.83 -11.76 -35.41
C1 GOL M . -33.87 -5.83 -17.70
O1 GOL M . -33.01 -4.71 -17.53
C2 GOL M . -34.30 -6.38 -16.35
O2 GOL M . -35.17 -7.47 -16.53
C3 GOL M . -35.01 -5.31 -15.53
O3 GOL M . -36.22 -5.79 -14.99
C1 BEN N . 22.27 -11.90 -20.28
C2 BEN N . 21.22 -11.21 -20.88
C3 BEN N . 20.25 -10.59 -20.09
C4 BEN N . 20.34 -10.66 -18.70
C5 BEN N . 21.40 -11.34 -18.10
C6 BEN N . 22.37 -11.96 -18.90
C BEN N . 23.24 -12.53 -21.10
N1 BEN N . 24.54 -12.42 -20.86
N2 BEN N . 22.86 -13.29 -22.12
C ZTN O . 5.58 -0.96 -16.76
C ZTN O . 7.06 -0.42 -17.07
O ZTN O . 9.22 -0.74 -16.95
O ZTN O . 4.28 -2.76 -16.64
F1 ZTN O . 8.86 -3.37 -16.42
F1 ZTN O . 6.45 -4.37 -16.23
C3 ZTN O . 7.78 -2.57 -16.52
C3 ZTN O . 6.64 -3.08 -16.51
C2 ZTN O . 7.97 -1.24 -16.79
C2 ZTN O . 5.55 -2.26 -16.70
C1 ZTN O . 6.84 -0.43 -16.91
C1 ZTN O . 5.76 -0.92 -16.99
C4 ZTN O . 6.52 -3.10 -16.37
C4 ZTN O . 7.91 -2.57 -16.60
F ZTN O . 6.40 -4.41 -16.11
F ZTN O . 8.95 -3.41 -16.41
C5 ZTN O . 5.41 -2.31 -16.48
C5 ZTN O . 8.14 -1.25 -16.88
FE1 SF4 P . -15.84 10.45 22.03
FE2 SF4 P . -15.68 12.84 23.28
FE3 SF4 P . -14.88 10.63 24.60
FE4 SF4 P . -17.52 11.03 24.04
S1 SF4 P . -16.18 12.32 25.44
S2 SF4 P . -16.36 9.09 23.73
S3 SF4 P . -17.46 12.07 22.06
S4 SF4 P . -13.89 11.47 22.75
FE1 SF4 Q . -7.52 2.00 26.28
FE2 SF4 Q . -7.98 4.51 25.35
FE3 SF4 Q . -5.69 3.90 26.62
FE4 SF4 Q . -7.95 3.99 28.04
S1 SF4 Q . -6.96 5.73 26.96
S2 SF4 Q . -6.35 2.36 28.21
S3 SF4 Q . -9.45 3.25 26.56
S4 SF4 Q . -6.33 3.11 24.60
P BVQ R . -0.32 15.82 25.20
CO BVQ R . -1.13 7.17 20.51
C1 BVQ R . -1.27 8.96 18.33
C2 BVQ R . -1.79 8.93 16.84
O2 BVQ R . -1.26 15.65 23.85
C3 BVQ R . -3.19 8.22 17.02
O3 BVQ R . 0.87 14.80 24.79
C4 BVQ R . -2.98 7.43 18.29
O4 BVQ R . 0.13 17.22 25.27
C5 BVQ R . -3.88 6.32 18.73
O5 BVQ R . -1.09 15.16 26.29
C6 BVQ R . -3.72 5.72 19.97
C7 BVQ R . -4.56 4.63 20.63
C8 BVQ R . -4.37 4.99 22.12
C9 BVQ R . -2.99 5.62 22.08
C10 BVQ R . -2.15 5.58 23.20
C11 BVQ R . -0.90 6.20 23.22
C12 BVQ R . -0.06 6.14 24.49
C13 BVQ R . 1.20 6.98 24.13
C14 BVQ R . 0.89 7.47 22.65
C15 BVQ R . 1.78 8.21 21.91
C16 BVQ R . 1.45 8.66 20.53
C17 BVQ R . 2.30 9.49 19.59
C18 BVQ R . 1.23 9.90 18.56
C19 BVQ R . 0.25 8.72 18.58
N1B BVQ R . -2.90 16.63 21.48
C1P BVQ R . 2.87 14.07 23.67
C1R BVQ R . -3.19 15.21 21.63
C20 BVQ R . -1.68 10.21 19.08
N21 BVQ R . -1.92 7.82 18.93
N22 BVQ R . -2.75 6.21 20.88
N23 BVQ R . -0.35 6.93 22.25
N24 BVQ R . 0.33 8.23 19.98
C25 BVQ R . -1.78 10.33 16.21
C26 BVQ R . -0.87 7.98 16.01
C27 BVQ R . -1.27 7.74 14.54
O28 BVQ R . -2.37 8.08 14.11
N29 BVQ R . -0.35 7.13 13.80
C2B BVQ R . -1.70 17.01 21.10
C2P BVQ R . 1.98 15.28 24.07
C2R BVQ R . -3.41 14.74 23.08
C30 BVQ R . -4.40 9.18 17.11
C31 BVQ R . -5.08 9.42 15.75
C32 BVQ R . -6.15 10.49 15.81
N33 BVQ R . -7.26 10.25 15.14
O34 BVQ R . -5.96 11.54 16.44
C35 BVQ R . -4.94 5.97 17.73
C36 BVQ R . -6.08 4.57 20.33
C37 BVQ R . -3.90 3.25 20.45
C38 BVQ R . -4.18 2.58 19.06
O39 BVQ R . -3.94 3.14 18.00
N3B BVQ R . -1.60 18.34 20.83
C3R BVQ R . -1.97 14.46 23.51
N40 BVQ R . -4.63 1.34 19.13
C41 BVQ R . -5.42 6.05 22.52
C42 BVQ R . -5.14 6.78 23.83
C43 BVQ R . -5.74 8.17 23.86
O44 BVQ R . -5.30 9.07 23.14
N45 BVQ R . -6.73 8.35 24.71
C46 BVQ R . 0.33 4.71 24.86
C47 BVQ R . -0.94 6.74 25.60
C48 BVQ R . 1.58 8.04 25.18
C49 BVQ R . 1.00 9.44 24.96
N4B BVQ R . -3.20 20.15 20.97
C4R BVQ R . -1.35 13.86 22.23
C50 BVQ R . 1.81 10.51 25.67
O51 BVQ R . 2.87 10.24 26.24
N52 BVQ R . 1.33 11.74 25.59
C53 BVQ R . 3.14 8.57 22.45
C54 BVQ R . 3.38 8.56 19.00
C55 BVQ R . 2.94 10.79 20.15
C56 BVQ R . 1.92 11.65 20.92
C57 BVQ R . 2.65 12.76 21.63
O58 BVQ R . 3.61 13.33 21.11
N59 BVQ R . 2.21 13.08 22.83
C5B BVQ R . -4.48 20.32 21.32
C5R BVQ R . -1.45 12.37 22.13
C60 BVQ R . 1.79 10.25 17.17
C61 BVQ R . 2.25 11.69 17.13
N62 BVQ R . 3.50 11.89 16.71
O63 BVQ R . 1.50 12.61 17.47
N6B BVQ R . -5.36 19.41 21.74
O6R BVQ R . -2.09 14.47 21.14
N7A BVQ R . -5.86 17.21 22.23
C7B BVQ R . -4.96 18.11 21.82
O7R BVQ R . -3.96 15.82 23.83
C8B BVQ R . -3.63 17.81 21.48
O8R BVQ R . -0.65 11.73 23.14
C9B BVQ R . -2.83 18.87 21.07
C1 GOL S . 9.27 1.31 21.40
O1 GOL S . 8.33 2.22 21.89
C2 GOL S . 10.68 1.78 21.75
O2 GOL S . 10.62 2.95 22.53
C3 GOL S . 11.37 2.07 20.44
O3 GOL S . 11.26 3.44 20.16
C1 GOL T . 12.10 2.24 0.23
O1 GOL T . 13.00 1.18 0.26
C2 GOL T . 12.90 3.52 0.41
O2 GOL T . 13.76 3.68 -0.70
C3 GOL T . 13.71 3.38 1.70
O3 GOL T . 14.23 4.64 2.10
C1 BEN U . 16.36 7.93 26.92
C2 BEN U . 16.97 8.34 25.74
C3 BEN U . 16.47 7.94 24.50
C4 BEN U . 15.35 7.11 24.45
C5 BEN U . 14.74 6.70 25.63
C6 BEN U . 15.24 7.10 26.87
C BEN U . 16.88 8.34 28.17
N1 BEN U . 18.11 8.80 28.30
N2 BEN U . 16.17 8.24 29.28
C ZTN V . 1.46 0.05 19.11
C ZTN V . 0.37 0.84 18.53
O ZTN V . -0.38 3.03 18.04
O ZTN V . 3.61 -0.03 19.94
F1 ZTN V . 2.11 4.03 18.42
F1 ZTN V . 3.94 2.66 19.39
C3 ZTN V . 1.89 2.73 18.64
C3 ZTN V . 2.78 2.04 19.11
C2 ZTN V . 0.63 2.22 18.46
C2 ZTN V . 2.61 0.71 19.39
C1 ZTN V . 0.42 0.86 18.68
C1 ZTN V . 1.40 0.10 19.10
C4 ZTN V . 2.92 1.91 19.07
C4 ZTN V . 1.74 2.77 18.56
F ZTN V . 4.13 2.46 19.24
F ZTN V . 1.94 4.09 18.30
C5 ZTN V . 2.72 0.58 19.29
C5 ZTN V . 0.54 2.19 18.26
#